data_8TOR
#
_entry.id   8TOR
#
_cell.length_a   180.199
_cell.length_b   180.199
_cell.length_c   70.068
_cell.angle_alpha   90.000
_cell.angle_beta   90.000
_cell.angle_gamma   120.000
#
_symmetry.space_group_name_H-M   'H 3'
#
loop_
_entity.id
_entity.type
_entity.pdbx_description
1 polymer 'Angiotensin-converting enzyme 2'
2 polymer 'Peptide 2'
3 branched 2-acetamido-2-deoxy-beta-D-glucopyranose-(1-4)-[alpha-L-fucopyranose-(1-6)]2-acetamido-2-deoxy-beta-D-glucopyranose
4 branched 2-acetamido-2-deoxy-beta-D-glucopyranose-(1-4)-2-acetamido-2-deoxy-beta-D-glucopyranose
5 non-polymer GLYCEROL
6 non-polymer 2-acetamido-2-deoxy-beta-D-glucopyranose
7 non-polymer 'CHLORIDE ION'
8 non-polymer 'ZINC ION'
9 water water
#
loop_
_entity_poly.entity_id
_entity_poly.type
_entity_poly.pdbx_seq_one_letter_code
_entity_poly.pdbx_strand_id
1 'polypeptide(L)'
;QSTIEEQAKTFLDKFNHEAEDLFYQSSLASWNYNTNITEENVQNMNNAGDKWSAFLKEQSTLAQMYPLQEIQNLTVKLQL
QALQQNGSSVLSEDKSKRLNTILNTMSTIYSTGKVCNPDNPQECLLLEPGLNEIMANSLDYNERLWAWESWRSEVGKQLR
PLYEEYVVLKNEMARANHYEDYGDYWRGDYEVNGVDGYDYSRGQLIEDVEHTFEEIKPLYEHLHAYVRAKLMNAYPSYIS
PIGCLPAHLLGDMWGRFWTNLYSLTVPFGQKPNIDVTDAMVDQAWDAQRIFKEAEKFFVSVGLPNMTQGFWENSMLTDPG
NVQKAVCHPTAWDLGKGDFRILMCTKVTMDDFLTAHHEMGHIQYDMAYAAQPFLLRNGANEGFHEAVGEIMSLSAATPKH
LKSIGLLSPDFQEDNETEINFLLKQALTIVGTLPFTYMLEKWRWMVFKGEIPKDQWMKKWWEMKREIVGVVEPVPHDETY
CDPASLFHVSNDYSFIRYYTRTLYQFQFQEALCQAAKHEGPLHKCDISNSTEAGQKLFNMLRLGKSEPWTLALENVVGAK
NMNVRPLLNYFEPLFTWLKDQNKNSFVGWSTDWSPYAGSHHHHHHHHHHSGLNDIFEAQKIEWHE
;
A
2 'polypeptide(L)' (ACE)YFQRSVRLPYLRC(NH2) E
#
loop_
_chem_comp.id
_chem_comp.type
_chem_comp.name
_chem_comp.formula
ACE non-polymer 'ACETYL GROUP' 'C2 H4 O'
CL non-polymer 'CHLORIDE ION' 'Cl -1'
FUC L-saccharide, alpha linking alpha-L-fucopyranose 'C6 H12 O5'
GOL non-polymer GLYCEROL 'C3 H8 O3'
NAG D-saccharide, beta linking 2-acetamido-2-deoxy-beta-D-glucopyranose 'C8 H15 N O6'
NH2 non-polymer 'AMINO GROUP' 'H2 N'
ZN non-polymer 'ZINC ION' 'Zn 2'
#
# COMPACT_ATOMS: atom_id res chain seq x y z
N GLN A 1 -38.45 -1.23 -5.81
CA GLN A 1 -39.88 -1.00 -5.62
C GLN A 1 -40.54 -0.52 -6.92
N SER A 2 -39.74 -0.05 -7.86
CA SER A 2 -40.19 0.33 -9.19
C SER A 2 -39.85 -0.78 -10.18
N THR A 3 -40.39 -0.65 -11.40
CA THR A 3 -40.18 -1.68 -12.42
C THR A 3 -38.71 -1.79 -12.80
N ILE A 4 -38.05 -0.65 -13.03
CA ILE A 4 -36.62 -0.68 -13.36
C ILE A 4 -35.83 -1.24 -12.18
N GLU A 5 -36.17 -0.82 -10.97
CA GLU A 5 -35.45 -1.31 -9.79
C GLU A 5 -35.64 -2.81 -9.63
N GLU A 6 -36.89 -3.29 -9.74
CA GLU A 6 -37.16 -4.71 -9.62
C GLU A 6 -36.43 -5.51 -10.70
N GLN A 7 -36.44 -5.00 -11.93
CA GLN A 7 -35.67 -5.66 -12.98
C GLN A 7 -34.17 -5.60 -12.69
N ALA A 8 -33.72 -4.51 -12.05
CA ALA A 8 -32.31 -4.41 -11.70
C ALA A 8 -31.91 -5.48 -10.69
N LYS A 9 -32.74 -5.70 -9.67
CA LYS A 9 -32.43 -6.71 -8.65
C LYS A 9 -32.35 -8.11 -9.26
N THR A 10 -33.26 -8.42 -10.19
CA THR A 10 -33.23 -9.72 -10.84
C THR A 10 -31.95 -9.91 -11.65
N PHE A 11 -31.54 -8.87 -12.39
CA PHE A 11 -30.30 -8.95 -13.14
C PHE A 11 -29.11 -9.21 -12.22
N LEU A 12 -29.04 -8.49 -11.09
CA LEU A 12 -27.91 -8.65 -10.18
C LEU A 12 -27.87 -10.04 -9.55
N ASP A 13 -29.05 -10.62 -9.30
CA ASP A 13 -29.10 -11.99 -8.78
C ASP A 13 -28.51 -12.97 -9.77
N LYS A 14 -28.87 -12.85 -11.05
CA LYS A 14 -28.26 -13.68 -12.08
C LYS A 14 -26.77 -13.38 -12.18
N PHE A 15 -26.39 -12.09 -12.17
CA PHE A 15 -24.98 -11.75 -12.24
C PHE A 15 -24.19 -12.34 -11.09
N ASN A 16 -24.73 -12.23 -9.87
CA ASN A 16 -24.01 -12.69 -8.69
C ASN A 16 -23.78 -14.19 -8.71
N HIS A 17 -24.79 -14.96 -9.17
CA HIS A 17 -24.63 -16.40 -9.28
C HIS A 17 -23.58 -16.75 -10.34
N GLU A 18 -23.66 -16.10 -11.50
CA GLU A 18 -22.71 -16.40 -12.56
C GLU A 18 -21.30 -15.93 -12.19
N ALA A 19 -21.19 -14.74 -11.58
CA ALA A 19 -19.88 -14.24 -11.19
C ALA A 19 -19.21 -15.17 -10.17
N GLU A 20 -19.98 -15.66 -9.19
CA GLU A 20 -19.42 -16.55 -8.19
C GLU A 20 -18.87 -17.83 -8.83
N ASP A 21 -19.61 -18.39 -9.79
CA ASP A 21 -19.16 -19.64 -10.44
C ASP A 21 -17.91 -19.40 -11.27
N LEU A 22 -17.92 -18.37 -12.13
CA LEU A 22 -16.77 -18.13 -12.99
C LEU A 22 -15.56 -17.63 -12.20
N PHE A 23 -15.78 -16.76 -11.20
CA PHE A 23 -14.65 -16.26 -10.40
C PHE A 23 -13.98 -17.37 -9.61
N TYR A 24 -14.77 -18.30 -9.06
CA TYR A 24 -14.20 -19.44 -8.36
C TYR A 24 -13.37 -20.30 -9.31
N GLN A 25 -13.89 -20.59 -10.50
CA GLN A 25 -13.12 -21.34 -11.49
C GLN A 25 -11.86 -20.59 -11.90
N SER A 26 -11.99 -19.28 -12.11
CA SER A 26 -10.81 -18.48 -12.43
C SER A 26 -9.80 -18.52 -11.28
N SER A 27 -10.28 -18.40 -10.05
CA SER A 27 -9.37 -18.36 -8.90
C SER A 27 -8.59 -19.66 -8.77
N LEU A 28 -9.23 -20.80 -9.09
CA LEU A 28 -8.52 -22.07 -9.04
C LEU A 28 -7.39 -22.12 -10.07
N ALA A 29 -7.65 -21.62 -11.28
CA ALA A 29 -6.57 -21.50 -12.25
C ALA A 29 -5.47 -20.57 -11.74
N SER A 30 -5.84 -19.65 -10.84
CA SER A 30 -4.84 -18.74 -10.29
C SER A 30 -4.06 -19.44 -9.17
N TRP A 31 -4.75 -20.21 -8.34
CA TRP A 31 -4.08 -20.93 -7.27
C TRP A 31 -3.13 -21.97 -7.83
N ASN A 32 -3.53 -22.65 -8.91
CA ASN A 32 -2.73 -23.74 -9.46
C ASN A 32 -1.42 -23.22 -10.06
N TYR A 33 -1.46 -22.11 -10.80
CA TYR A 33 -0.22 -21.56 -11.34
C TYR A 33 0.70 -21.04 -10.24
N ASN A 34 0.14 -20.26 -9.30
CA ASN A 34 0.96 -19.63 -8.28
C ASN A 34 1.58 -20.65 -7.32
N THR A 35 1.00 -21.84 -7.22
CA THR A 35 1.59 -22.91 -6.42
C THR A 35 2.40 -23.90 -7.25
N ASN A 36 2.04 -24.12 -8.51
CA ASN A 36 2.75 -25.05 -9.40
C ASN A 36 2.94 -24.33 -10.74
N ILE A 37 4.04 -23.59 -10.88
CA ILE A 37 4.27 -22.74 -12.03
C ILE A 37 4.71 -23.64 -13.19
N THR A 38 3.79 -23.93 -14.11
CA THR A 38 4.05 -24.73 -15.30
C THR A 38 3.36 -24.08 -16.49
N GLU A 39 3.81 -24.47 -17.69
CA GLU A 39 3.21 -23.93 -18.90
C GLU A 39 1.73 -24.32 -19.03
N GLU A 40 1.39 -25.55 -18.61
CA GLU A 40 -0.02 -25.94 -18.60
C GLU A 40 -0.83 -25.04 -17.68
N ASN A 41 -0.26 -24.69 -16.52
CA ASN A 41 -0.94 -23.78 -15.60
C ASN A 41 -0.89 -22.33 -16.08
N VAL A 42 0.15 -21.94 -16.81
CA VAL A 42 0.19 -20.61 -17.42
C VAL A 42 -0.93 -20.45 -18.44
N GLN A 43 -1.12 -21.46 -19.28
CA GLN A 43 -2.11 -21.36 -20.34
C GLN A 43 -3.53 -21.35 -19.79
N ASN A 44 -3.83 -22.24 -18.84
CA ASN A 44 -5.14 -22.24 -18.21
C ASN A 44 -5.40 -20.92 -17.49
N MET A 45 -4.37 -20.36 -16.84
CA MET A 45 -4.44 -19.01 -16.28
C MET A 45 -4.74 -17.96 -17.34
N ASN A 46 -4.04 -18.03 -18.46
CA ASN A 46 -4.25 -17.05 -19.53
C ASN A 46 -5.64 -17.17 -20.12
N ASN A 47 -6.13 -18.39 -20.29
CA ASN A 47 -7.50 -18.60 -20.76
C ASN A 47 -8.51 -18.08 -19.76
N ALA A 48 -8.30 -18.36 -18.47
CA ALA A 48 -9.25 -17.91 -17.45
C ALA A 48 -9.32 -16.40 -17.37
N GLY A 49 -8.19 -15.71 -17.60
CA GLY A 49 -8.19 -14.26 -17.57
C GLY A 49 -9.07 -13.65 -18.64
N ASP A 50 -9.01 -14.20 -19.85
CA ASP A 50 -9.85 -13.67 -20.93
C ASP A 50 -11.32 -14.01 -20.71
N LYS A 51 -11.60 -15.21 -20.20
CA LYS A 51 -12.97 -15.57 -19.85
C LYS A 51 -13.53 -14.65 -18.77
N TRP A 52 -12.74 -14.37 -17.72
CA TRP A 52 -13.22 -13.54 -16.63
C TRP A 52 -13.45 -12.10 -17.08
N SER A 53 -12.53 -11.55 -17.86
CA SER A 53 -12.65 -10.15 -18.27
C SER A 53 -13.70 -9.95 -19.36
N ALA A 54 -13.88 -10.94 -20.23
CA ALA A 54 -14.94 -10.84 -21.25
C ALA A 54 -16.31 -10.90 -20.60
N PHE A 55 -16.47 -11.78 -19.62
CA PHE A 55 -17.73 -11.89 -18.89
C PHE A 55 -18.12 -10.57 -18.25
N LEU A 56 -17.18 -9.89 -17.58
CA LEU A 56 -17.49 -8.61 -16.95
C LEU A 56 -17.87 -7.54 -17.97
N LYS A 57 -17.26 -7.55 -19.16
CA LYS A 57 -17.62 -6.61 -20.20
C LYS A 57 -19.04 -6.83 -20.71
N GLU A 58 -19.45 -8.09 -20.88
CA GLU A 58 -20.82 -8.38 -21.29
C GLU A 58 -21.82 -7.97 -20.22
N GLN A 59 -21.52 -8.32 -18.96
CA GLN A 59 -22.41 -7.93 -17.88
C GLN A 59 -22.47 -6.42 -17.73
N SER A 60 -21.38 -5.73 -18.05
CA SER A 60 -21.38 -4.27 -18.05
C SER A 60 -22.33 -3.74 -19.12
N THR A 61 -22.38 -4.41 -20.27
CA THR A 61 -23.33 -4.07 -21.33
C THR A 61 -24.77 -4.29 -20.87
N LEU A 62 -25.04 -5.42 -20.22
CA LEU A 62 -26.39 -5.66 -19.71
C LEU A 62 -26.77 -4.68 -18.61
N ALA A 63 -25.79 -4.21 -17.82
CA ALA A 63 -26.11 -3.34 -16.69
C ALA A 63 -26.55 -1.95 -17.12
N GLN A 64 -26.21 -1.54 -18.34
CA GLN A 64 -26.63 -0.24 -18.84
C GLN A 64 -28.14 -0.11 -19.02
N MET A 65 -28.88 -1.23 -19.00
CA MET A 65 -30.34 -1.21 -19.19
C MET A 65 -31.09 -0.64 -18.00
N TYR A 66 -30.42 -0.38 -16.87
CA TYR A 66 -31.06 0.02 -15.62
C TYR A 66 -30.50 1.36 -15.18
N PRO A 67 -31.13 2.48 -15.56
CA PRO A 67 -30.61 3.80 -15.16
C PRO A 67 -30.57 3.96 -13.66
N LEU A 68 -29.51 4.63 -13.19
CA LEU A 68 -29.32 4.79 -11.75
C LEU A 68 -30.34 5.75 -11.14
N GLN A 69 -30.79 6.75 -11.91
CA GLN A 69 -31.71 7.75 -11.37
C GLN A 69 -33.01 7.12 -10.90
N GLU A 70 -33.42 6.01 -11.51
CA GLU A 70 -34.66 5.32 -11.14
C GLU A 70 -34.43 4.24 -10.07
N ILE A 71 -33.21 4.10 -9.58
CA ILE A 71 -32.88 3.15 -8.52
C ILE A 71 -32.84 3.90 -7.20
N GLN A 72 -33.50 3.34 -6.18
CA GLN A 72 -33.50 3.94 -4.85
C GLN A 72 -32.79 3.08 -3.81
N ASN A 73 -32.67 1.77 -4.04
CA ASN A 73 -31.93 0.89 -3.14
C ASN A 73 -30.44 1.14 -3.33
N LEU A 74 -29.78 1.66 -2.28
CA LEU A 74 -28.37 2.03 -2.39
C LEU A 74 -27.48 0.81 -2.65
N THR A 75 -27.77 -0.30 -1.97
CA THR A 75 -27.02 -1.54 -2.21
C THR A 75 -27.13 -1.99 -3.66
N VAL A 76 -28.30 -1.81 -4.28
CA VAL A 76 -28.44 -2.07 -5.70
C VAL A 76 -27.69 -1.01 -6.51
N LYS A 77 -27.82 0.26 -6.12
CA LYS A 77 -27.09 1.33 -6.79
C LYS A 77 -25.60 1.05 -6.81
N LEU A 78 -25.04 0.63 -5.67
CA LEU A 78 -23.60 0.43 -5.57
C LEU A 78 -23.10 -0.61 -6.57
N GLN A 79 -23.82 -1.72 -6.71
CA GLN A 79 -23.39 -2.76 -7.63
C GLN A 79 -23.58 -2.32 -9.08
N LEU A 80 -24.70 -1.66 -9.38
CA LEU A 80 -24.91 -1.14 -10.73
C LEU A 80 -23.85 -0.09 -11.08
N GLN A 81 -23.48 0.74 -10.11
CA GLN A 81 -22.43 1.74 -10.32
C GLN A 81 -21.15 1.08 -10.81
N ALA A 82 -20.69 0.04 -10.10
CA ALA A 82 -19.47 -0.66 -10.49
C ALA A 82 -19.60 -1.31 -11.86
N LEU A 83 -20.75 -1.93 -12.15
CA LEU A 83 -20.88 -2.64 -13.42
C LEU A 83 -21.00 -1.70 -14.61
N GLN A 84 -21.61 -0.52 -14.41
CA GLN A 84 -21.88 0.37 -15.53
C GLN A 84 -20.66 1.19 -16.00
N GLN A 85 -19.55 1.20 -15.26
CA GLN A 85 -18.41 1.99 -15.68
C GLN A 85 -17.83 1.43 -16.97
N ASN A 86 -17.58 2.31 -17.94
CA ASN A 86 -17.13 1.87 -19.26
C ASN A 86 -15.62 1.70 -19.34
N GLY A 87 -14.86 2.50 -18.60
CA GLY A 87 -13.40 2.35 -18.63
C GLY A 87 -12.84 2.77 -19.97
N SER A 88 -11.90 1.98 -20.48
CA SER A 88 -11.26 2.30 -21.76
C SER A 88 -12.15 1.95 -22.96
N SER A 89 -13.34 1.37 -22.73
CA SER A 89 -14.26 1.12 -23.83
C SER A 89 -14.74 2.40 -24.49
N VAL A 90 -14.66 3.54 -23.79
CA VAL A 90 -15.09 4.81 -24.37
C VAL A 90 -14.16 5.27 -25.49
N LEU A 91 -12.97 4.70 -25.58
CA LEU A 91 -12.02 5.11 -26.60
C LEU A 91 -12.29 4.37 -27.90
N SER A 92 -11.95 5.02 -29.02
CA SER A 92 -11.96 4.34 -30.30
C SER A 92 -11.00 3.15 -30.26
N GLU A 93 -11.27 2.16 -31.11
CA GLU A 93 -10.42 0.97 -31.14
C GLU A 93 -8.95 1.34 -31.37
N ASP A 94 -8.71 2.38 -32.16
CA ASP A 94 -7.32 2.80 -32.44
C ASP A 94 -6.65 3.31 -31.18
N LYS A 95 -7.32 4.19 -30.43
CA LYS A 95 -6.71 4.78 -29.23
C LYS A 95 -6.55 3.75 -28.12
N SER A 96 -7.55 2.88 -27.92
CA SER A 96 -7.39 1.84 -26.91
C SER A 96 -6.28 0.86 -27.28
N LYS A 97 -6.11 0.56 -28.57
CA LYS A 97 -4.98 -0.24 -29.01
C LYS A 97 -3.66 0.47 -28.72
N ARG A 98 -3.60 1.77 -29.02
CA ARG A 98 -2.40 2.54 -28.75
C ARG A 98 -2.09 2.60 -27.26
N LEU A 99 -3.12 2.85 -26.43
CA LEU A 99 -2.92 2.91 -24.98
C LEU A 99 -2.41 1.58 -24.43
N ASN A 100 -2.99 0.47 -24.88
CA ASN A 100 -2.54 -0.84 -24.41
C ASN A 100 -1.09 -1.08 -24.80
N THR A 101 -0.71 -0.69 -26.02
CA THR A 101 0.67 -0.82 -26.46
C THR A 101 1.61 0.03 -25.58
N ILE A 102 1.22 1.27 -25.30
CA ILE A 102 2.03 2.13 -24.46
C ILE A 102 2.13 1.57 -23.04
N LEU A 103 1.01 1.13 -22.49
CA LEU A 103 1.02 0.56 -21.13
C LEU A 103 1.92 -0.66 -21.05
N ASN A 104 1.80 -1.57 -22.01
CA ASN A 104 2.63 -2.77 -21.99
C ASN A 104 4.10 -2.45 -22.21
N THR A 105 4.39 -1.45 -23.05
CA THR A 105 5.78 -1.08 -23.30
C THR A 105 6.43 -0.47 -22.06
N MET A 106 5.70 0.41 -21.36
CA MET A 106 6.27 0.99 -20.14
C MET A 106 6.56 -0.08 -19.10
N SER A 107 5.62 -1.01 -18.92
CA SER A 107 5.82 -2.09 -17.96
C SER A 107 7.02 -2.95 -18.36
N THR A 108 7.16 -3.23 -19.66
CA THR A 108 8.26 -4.05 -20.13
C THR A 108 9.59 -3.33 -19.96
N ILE A 109 9.61 -2.03 -20.23
CA ILE A 109 10.83 -1.25 -20.03
C ILE A 109 11.25 -1.28 -18.56
N TYR A 110 10.29 -1.11 -17.65
CA TYR A 110 10.66 -1.12 -16.24
C TYR A 110 11.21 -2.46 -15.80
N SER A 111 10.55 -3.55 -16.20
CA SER A 111 10.90 -4.85 -15.67
C SER A 111 12.11 -5.47 -16.36
N THR A 112 12.49 -4.98 -17.54
CA THR A 112 13.71 -5.41 -18.21
C THR A 112 14.85 -4.41 -18.02
N GLY A 113 14.64 -3.36 -17.23
CA GLY A 113 15.64 -2.34 -17.02
C GLY A 113 16.94 -2.88 -16.46
N LYS A 114 18.04 -2.58 -17.14
CA LYS A 114 19.35 -3.00 -16.67
C LYS A 114 20.36 -1.92 -17.03
N VAL A 115 21.34 -1.75 -16.16
CA VAL A 115 22.43 -0.80 -16.37
C VAL A 115 23.74 -1.57 -16.34
N CYS A 116 24.68 -1.19 -17.20
CA CYS A 116 25.90 -1.94 -17.38
C CYS A 116 27.11 -1.10 -16.97
N ASN A 117 28.18 -1.79 -16.59
CA ASN A 117 29.40 -1.14 -16.18
C ASN A 117 29.94 -0.29 -17.32
N PRO A 118 30.23 0.99 -17.11
CA PRO A 118 30.79 1.81 -18.18
C PRO A 118 32.10 1.28 -18.74
N ASP A 119 32.95 0.68 -17.89
CA ASP A 119 34.23 0.14 -18.33
C ASP A 119 34.17 -1.35 -18.67
N ASN A 120 32.99 -1.96 -18.61
CA ASN A 120 32.80 -3.37 -18.96
C ASN A 120 31.34 -3.58 -19.36
N PRO A 121 31.00 -3.38 -20.63
CA PRO A 121 29.59 -3.42 -21.03
C PRO A 121 28.91 -4.77 -20.91
N GLN A 122 29.66 -5.86 -20.70
CA GLN A 122 29.05 -7.17 -20.50
C GLN A 122 28.63 -7.40 -19.06
N GLU A 123 29.04 -6.55 -18.13
CA GLU A 123 28.68 -6.66 -16.72
C GLU A 123 27.53 -5.69 -16.46
N CYS A 124 26.35 -6.24 -16.16
CA CYS A 124 25.14 -5.44 -16.03
C CYS A 124 24.40 -5.82 -14.75
N LEU A 125 23.59 -4.89 -14.26
CA LEU A 125 22.83 -5.06 -13.03
C LEU A 125 21.37 -4.74 -13.28
N LEU A 126 20.48 -5.62 -12.83
CA LEU A 126 19.07 -5.32 -12.78
C LEU A 126 18.72 -4.58 -11.49
N LEU A 127 17.52 -4.01 -11.46
CA LEU A 127 17.05 -3.37 -10.25
C LEU A 127 17.08 -4.32 -9.06
N GLU A 128 16.46 -5.49 -9.22
CA GLU A 128 16.50 -6.55 -8.22
C GLU A 128 17.35 -7.69 -8.75
N PRO A 129 18.38 -8.13 -8.03
CA PRO A 129 18.88 -7.60 -6.76
C PRO A 129 19.98 -6.55 -6.87
N GLY A 130 20.56 -6.34 -8.06
CA GLY A 130 21.79 -5.57 -8.21
C GLY A 130 21.76 -4.14 -7.72
N LEU A 131 20.94 -3.28 -8.36
CA LEU A 131 20.90 -1.88 -7.97
C LEU A 131 20.30 -1.69 -6.59
N ASN A 132 19.30 -2.50 -6.22
CA ASN A 132 18.69 -2.40 -4.89
C ASN A 132 19.71 -2.68 -3.80
N GLU A 133 20.61 -3.64 -4.02
CA GLU A 133 21.64 -3.96 -3.04
C GLU A 133 22.60 -2.79 -2.83
N ILE A 134 22.97 -2.10 -3.91
CA ILE A 134 23.80 -0.92 -3.78
C ILE A 134 23.07 0.18 -3.02
N MET A 135 21.81 0.43 -3.39
CA MET A 135 21.05 1.51 -2.79
C MET A 135 20.80 1.28 -1.30
N ALA A 136 20.85 0.02 -0.85
CA ALA A 136 20.63 -0.28 0.56
C ALA A 136 21.91 -0.26 1.38
N ASN A 137 23.03 -0.78 0.85
CA ASN A 137 24.20 -1.08 1.66
C ASN A 137 25.46 -0.32 1.29
N SER A 138 25.47 0.42 0.19
CA SER A 138 26.70 1.10 -0.21
C SER A 138 26.91 2.36 0.62
N LEU A 139 28.13 2.52 1.13
CA LEU A 139 28.58 3.77 1.73
C LEU A 139 29.47 4.58 0.77
N ASP A 140 29.43 4.27 -0.52
CA ASP A 140 30.23 4.97 -1.53
C ASP A 140 29.35 5.98 -2.25
N TYR A 141 29.59 7.26 -1.98
CA TYR A 141 28.76 8.33 -2.55
C TYR A 141 28.66 8.20 -4.06
N ASN A 142 29.79 7.94 -4.74
CA ASN A 142 29.79 7.91 -6.20
C ASN A 142 29.21 6.62 -6.76
N GLU A 143 29.40 5.50 -6.07
CA GLU A 143 28.75 4.27 -6.51
C GLU A 143 27.22 4.36 -6.40
N ARG A 144 26.72 4.93 -5.29
CA ARG A 144 25.29 5.17 -5.15
C ARG A 144 24.80 6.15 -6.21
N LEU A 145 25.57 7.19 -6.47
CA LEU A 145 25.20 8.18 -7.49
C LEU A 145 25.15 7.53 -8.87
N TRP A 146 26.10 6.65 -9.16
CA TRP A 146 26.08 5.96 -10.43
C TRP A 146 24.83 5.10 -10.57
N ALA A 147 24.47 4.38 -9.50
CA ALA A 147 23.28 3.53 -9.56
C ALA A 147 22.02 4.36 -9.71
N TRP A 148 21.90 5.42 -8.92
CA TRP A 148 20.70 6.27 -8.96
C TRP A 148 20.54 6.97 -10.29
N GLU A 149 21.64 7.51 -10.84
CA GLU A 149 21.59 8.25 -12.09
C GLU A 149 21.44 7.33 -13.30
N SER A 150 22.14 6.20 -13.31
CA SER A 150 22.05 5.27 -14.44
CA SER A 150 22.05 5.28 -14.44
C SER A 150 20.64 4.71 -14.58
N TRP A 151 19.98 4.41 -13.46
CA TRP A 151 18.61 3.93 -13.53
C TRP A 151 17.70 4.97 -14.16
N ARG A 152 17.87 6.24 -13.81
CA ARG A 152 17.00 7.26 -14.33
C ARG A 152 17.32 7.65 -15.76
N SER A 153 18.55 7.45 -16.20
CA SER A 153 18.89 7.79 -17.57
C SER A 153 18.65 6.63 -18.53
N GLU A 154 18.80 5.39 -18.06
CA GLU A 154 18.51 4.23 -18.89
C GLU A 154 17.02 3.93 -18.96
N VAL A 155 16.36 3.90 -17.81
CA VAL A 155 14.94 3.54 -17.77
C VAL A 155 14.05 4.76 -17.90
N GLY A 156 14.27 5.78 -17.06
CA GLY A 156 13.39 6.93 -17.04
C GLY A 156 13.36 7.70 -18.34
N LYS A 157 14.52 7.85 -18.99
CA LYS A 157 14.55 8.55 -20.27
C LYS A 157 13.78 7.80 -21.35
N GLN A 158 13.81 6.46 -21.34
CA GLN A 158 13.00 5.68 -22.26
C GLN A 158 11.52 5.95 -22.05
N LEU A 159 11.09 6.03 -20.79
CA LEU A 159 9.68 6.16 -20.48
C LEU A 159 9.12 7.53 -20.79
N ARG A 160 9.97 8.56 -20.85
CA ARG A 160 9.50 9.94 -20.95
C ARG A 160 8.55 10.17 -22.13
N PRO A 161 8.89 9.85 -23.39
CA PRO A 161 7.91 10.09 -24.46
C PRO A 161 6.66 9.24 -24.34
N LEU A 162 6.79 8.01 -23.83
CA LEU A 162 5.62 7.16 -23.64
C LEU A 162 4.69 7.75 -22.59
N TYR A 163 5.26 8.26 -21.49
CA TYR A 163 4.44 8.79 -20.40
C TYR A 163 3.62 9.99 -20.86
N GLU A 164 4.20 10.82 -21.73
CA GLU A 164 3.46 11.96 -22.26
C GLU A 164 2.21 11.51 -23.01
N GLU A 165 2.34 10.48 -23.85
CA GLU A 165 1.19 10.00 -24.59
C GLU A 165 0.23 9.24 -23.69
N TYR A 166 0.77 8.56 -22.67
CA TYR A 166 -0.08 7.90 -21.69
C TYR A 166 -0.98 8.89 -20.96
N VAL A 167 -0.44 10.07 -20.64
CA VAL A 167 -1.23 11.09 -19.97
C VAL A 167 -2.38 11.57 -20.86
N VAL A 168 -2.09 11.81 -22.15
CA VAL A 168 -3.12 12.30 -23.07
C VAL A 168 -4.24 11.27 -23.21
N LEU A 169 -3.90 10.00 -23.38
CA LEU A 169 -4.90 8.96 -23.59
C LEU A 169 -5.71 8.68 -22.33
N LYS A 170 -5.05 8.62 -21.17
CA LYS A 170 -5.78 8.40 -19.92
C LYS A 170 -6.74 9.54 -19.63
N ASN A 171 -6.32 10.78 -19.91
CA ASN A 171 -7.22 11.91 -19.67
C ASN A 171 -8.42 11.85 -20.60
N GLU A 172 -8.21 11.43 -21.85
CA GLU A 172 -9.31 11.24 -22.79
C GLU A 172 -10.29 10.18 -22.29
N MET A 173 -9.76 9.04 -21.84
CA MET A 173 -10.62 8.01 -21.27
C MET A 173 -11.40 8.56 -20.06
N ALA A 174 -10.72 9.30 -19.19
CA ALA A 174 -11.37 9.77 -17.97
C ALA A 174 -12.48 10.77 -18.28
N ARG A 175 -12.21 11.71 -19.19
CA ARG A 175 -13.21 12.72 -19.50
C ARG A 175 -14.45 12.09 -20.14
N ALA A 176 -14.24 11.11 -21.01
CA ALA A 176 -15.37 10.41 -21.63
C ALA A 176 -16.15 9.58 -20.62
N ASN A 177 -15.58 9.28 -19.45
CA ASN A 177 -16.32 8.68 -18.36
C ASN A 177 -16.83 9.72 -17.36
N HIS A 178 -16.88 10.99 -17.77
CA HIS A 178 -17.46 12.09 -16.99
C HIS A 178 -16.66 12.40 -15.73
N TYR A 179 -15.33 12.36 -15.87
CA TYR A 179 -14.41 12.84 -14.86
C TYR A 179 -13.66 14.04 -15.43
N GLU A 180 -13.05 14.81 -14.52
CA GLU A 180 -12.27 15.97 -14.96
C GLU A 180 -10.99 15.55 -15.68
N ASP A 181 -10.34 14.49 -15.20
CA ASP A 181 -9.07 14.00 -15.72
C ASP A 181 -8.81 12.66 -15.05
N TYR A 182 -7.70 12.02 -15.44
CA TYR A 182 -7.36 10.71 -14.89
C TYR A 182 -7.15 10.77 -13.36
N GLY A 183 -6.56 11.85 -12.85
CA GLY A 183 -6.43 11.97 -11.41
C GLY A 183 -7.78 11.99 -10.71
N ASP A 184 -8.70 12.81 -11.22
CA ASP A 184 -10.07 12.80 -10.70
C ASP A 184 -10.69 11.41 -10.78
N TYR A 185 -10.41 10.69 -11.88
CA TYR A 185 -10.93 9.33 -12.05
C TYR A 185 -10.44 8.41 -10.94
N TRP A 186 -9.15 8.50 -10.60
CA TRP A 186 -8.57 7.69 -9.51
C TRP A 186 -9.16 8.07 -8.15
N ARG A 187 -9.41 9.36 -7.93
CA ARG A 187 -9.94 9.80 -6.64
C ARG A 187 -11.38 9.34 -6.44
N GLY A 188 -12.01 8.81 -7.48
CA GLY A 188 -13.37 8.28 -7.34
C GLY A 188 -13.46 7.11 -6.41
N ASP A 189 -12.33 6.45 -6.11
CA ASP A 189 -12.37 5.34 -5.16
C ASP A 189 -12.85 5.79 -3.77
N TYR A 190 -12.69 7.07 -3.43
CA TYR A 190 -13.12 7.59 -2.12
C TYR A 190 -14.47 8.31 -2.18
N GLU A 191 -15.11 8.35 -3.35
CA GLU A 191 -16.31 9.15 -3.51
C GLU A 191 -17.50 8.46 -2.83
N VAL A 192 -18.30 9.25 -2.14
CA VAL A 192 -19.56 8.80 -1.56
C VAL A 192 -20.63 9.83 -1.89
N ASN A 193 -21.76 9.35 -2.44
CA ASN A 193 -22.89 10.20 -2.79
C ASN A 193 -24.19 9.57 -2.32
N GLY A 194 -25.17 10.43 -2.03
CA GLY A 194 -26.50 9.95 -1.74
C GLY A 194 -26.71 9.35 -0.38
N VAL A 195 -25.80 9.58 0.57
CA VAL A 195 -25.97 9.14 1.95
C VAL A 195 -25.78 10.37 2.82
N ASP A 196 -26.87 10.90 3.35
CA ASP A 196 -26.81 12.13 4.14
C ASP A 196 -25.94 11.92 5.37
N GLY A 197 -25.07 12.90 5.63
CA GLY A 197 -24.13 12.82 6.74
C GLY A 197 -22.91 11.99 6.48
N TYR A 198 -22.77 11.39 5.29
CA TYR A 198 -21.63 10.53 5.03
C TYR A 198 -21.02 10.76 3.65
N ASP A 199 -21.48 11.76 2.91
CA ASP A 199 -20.99 12.01 1.56
C ASP A 199 -19.51 12.41 1.60
N TYR A 200 -18.81 12.11 0.51
CA TYR A 200 -17.40 12.46 0.38
C TYR A 200 -17.13 12.72 -1.10
N SER A 201 -16.70 13.94 -1.41
CA SER A 201 -16.45 14.35 -2.78
C SER A 201 -15.02 14.02 -3.19
N ARG A 202 -14.81 13.91 -4.51
CA ARG A 202 -13.50 13.55 -5.03
C ARG A 202 -12.47 14.65 -4.77
N GLY A 203 -12.90 15.92 -4.79
CA GLY A 203 -11.99 16.99 -4.43
C GLY A 203 -11.68 17.06 -2.95
N GLN A 204 -12.55 16.52 -2.10
CA GLN A 204 -12.30 16.53 -0.66
C GLN A 204 -11.06 15.72 -0.30
N LEU A 205 -10.73 14.70 -1.09
CA LEU A 205 -9.55 13.90 -0.77
C LEU A 205 -8.28 14.73 -0.82
N ILE A 206 -8.17 15.62 -1.81
CA ILE A 206 -7.00 16.49 -1.92
C ILE A 206 -6.87 17.36 -0.68
N GLU A 207 -7.99 17.92 -0.20
CA GLU A 207 -7.98 18.78 0.97
C GLU A 207 -7.54 18.02 2.22
N ASP A 208 -8.07 16.81 2.42
CA ASP A 208 -7.78 16.07 3.64
C ASP A 208 -6.35 15.55 3.64
N VAL A 209 -5.83 15.16 2.48
CA VAL A 209 -4.43 14.74 2.41
C VAL A 209 -3.49 15.91 2.72
N GLU A 210 -3.79 17.08 2.17
CA GLU A 210 -2.98 18.26 2.43
C GLU A 210 -3.09 18.71 3.88
N HIS A 211 -4.29 18.65 4.45
CA HIS A 211 -4.44 19.09 5.84
C HIS A 211 -3.73 18.14 6.79
N THR A 212 -3.90 16.82 6.61
CA THR A 212 -3.22 15.89 7.49
C THR A 212 -1.70 15.96 7.31
N PHE A 213 -1.23 16.20 6.08
CA PHE A 213 0.21 16.33 5.87
C PHE A 213 0.77 17.52 6.65
N GLU A 214 0.04 18.63 6.68
CA GLU A 214 0.45 19.78 7.49
C GLU A 214 0.65 19.40 8.95
N GLU A 215 -0.24 18.56 9.49
CA GLU A 215 -0.14 18.21 10.91
C GLU A 215 1.03 17.26 11.18
N ILE A 216 1.45 16.47 10.18
CA ILE A 216 2.58 15.59 10.41
C ILE A 216 3.92 16.26 10.10
N LYS A 217 3.92 17.42 9.46
CA LYS A 217 5.16 18.07 9.10
C LYS A 217 6.10 18.32 10.29
N PRO A 218 5.64 18.78 11.47
CA PRO A 218 6.59 18.92 12.59
C PRO A 218 7.31 17.63 12.96
N LEU A 219 6.60 16.50 13.02
CA LEU A 219 7.25 15.23 13.33
C LEU A 219 8.24 14.83 12.23
N TYR A 220 7.86 15.02 10.96
CA TYR A 220 8.74 14.63 9.86
C TYR A 220 9.99 15.51 9.84
N GLU A 221 9.82 16.82 10.06
CA GLU A 221 10.98 17.72 10.07
C GLU A 221 11.97 17.34 11.15
N HIS A 222 11.47 16.92 12.33
CA HIS A 222 12.37 16.48 13.39
C HIS A 222 13.04 15.16 13.04
N LEU A 223 12.30 14.23 12.43
CA LEU A 223 12.91 13.00 11.93
C LEU A 223 13.97 13.31 10.87
N HIS A 224 13.63 14.19 9.94
CA HIS A 224 14.55 14.59 8.87
C HIS A 224 15.83 15.21 9.44
N ALA A 225 15.70 16.11 10.42
CA ALA A 225 16.86 16.76 11.01
C ALA A 225 17.76 15.77 11.74
N TYR A 226 17.17 14.83 12.49
CA TYR A 226 17.96 13.79 13.13
C TYR A 226 18.67 12.91 12.10
N VAL A 227 17.95 12.49 11.06
CA VAL A 227 18.56 11.64 10.03
C VAL A 227 19.65 12.41 9.29
N ARG A 228 19.43 13.69 9.02
CA ARG A 228 20.44 14.49 8.34
C ARG A 228 21.74 14.54 9.13
N ALA A 229 21.65 14.73 10.45
CA ALA A 229 22.86 14.78 11.27
C ALA A 229 23.61 13.46 11.25
N LYS A 230 22.88 12.34 11.31
CA LYS A 230 23.53 11.03 11.24
C LYS A 230 24.13 10.78 9.86
N LEU A 231 23.46 11.27 8.81
CA LEU A 231 23.97 11.11 7.46
C LEU A 231 25.23 11.95 7.22
N MET A 232 25.36 13.09 7.90
CA MET A 232 26.58 13.86 7.79
C MET A 232 27.77 13.10 8.35
N ASN A 233 27.55 12.24 9.34
CA ASN A 233 28.62 11.39 9.81
C ASN A 233 28.91 10.26 8.82
N ALA A 234 27.87 9.74 8.16
CA ALA A 234 28.04 8.62 7.26
C ALA A 234 28.65 9.03 5.92
N TYR A 235 28.33 10.23 5.43
CA TYR A 235 28.83 10.71 4.14
C TYR A 235 29.46 12.09 4.35
N PRO A 236 30.63 12.13 4.98
CA PRO A 236 31.23 13.42 5.36
C PRO A 236 31.47 14.32 4.16
N SER A 237 31.16 15.61 4.34
CA SER A 237 31.36 16.71 3.40
C SER A 237 30.38 16.72 2.24
N TYR A 238 29.40 15.81 2.20
CA TYR A 238 28.46 15.76 1.10
C TYR A 238 27.07 16.28 1.45
N ILE A 239 26.81 16.56 2.72
CA ILE A 239 25.49 16.97 3.18
C ILE A 239 25.62 18.29 3.94
N SER A 240 24.84 19.29 3.51
CA SER A 240 24.77 20.59 4.18
C SER A 240 23.94 20.49 5.46
N PRO A 241 24.35 21.17 6.54
CA PRO A 241 23.54 21.15 7.76
C PRO A 241 22.19 21.84 7.62
N ILE A 242 22.01 22.69 6.61
CA ILE A 242 20.75 23.39 6.41
C ILE A 242 19.97 22.87 5.19
N GLY A 243 20.50 21.89 4.46
CA GLY A 243 19.97 21.55 3.16
C GLY A 243 19.08 20.31 3.15
N CYS A 244 18.55 20.03 1.96
CA CYS A 244 17.80 18.80 1.74
C CYS A 244 18.75 17.59 1.75
N LEU A 245 18.18 16.42 1.92
CA LEU A 245 18.96 15.20 1.81
C LEU A 245 19.15 14.83 0.34
N PRO A 246 20.37 14.54 -0.11
CA PRO A 246 20.57 14.11 -1.50
C PRO A 246 19.78 12.83 -1.79
N ALA A 247 19.13 12.78 -2.97
CA ALA A 247 18.14 11.75 -3.24
C ALA A 247 18.74 10.34 -3.32
N HIS A 248 20.05 10.20 -3.54
CA HIS A 248 20.64 8.88 -3.73
C HIS A 248 21.19 8.29 -2.44
N LEU A 249 20.95 8.93 -1.29
CA LEU A 249 21.53 8.45 -0.02
C LEU A 249 20.46 8.00 0.98
N LEU A 250 19.26 7.62 0.51
CA LEU A 250 18.14 7.38 1.41
C LEU A 250 17.86 5.90 1.67
N GLY A 251 18.68 4.98 1.15
CA GLY A 251 18.55 3.58 1.47
C GLY A 251 17.78 2.73 0.47
N ASP A 252 17.08 3.35 -0.49
CA ASP A 252 16.58 2.60 -1.64
C ASP A 252 16.61 3.52 -2.86
N MET A 253 16.11 3.00 -3.99
CA MET A 253 16.32 3.66 -5.28
C MET A 253 15.61 5.00 -5.38
N TRP A 254 14.58 5.24 -4.56
CA TRP A 254 13.79 6.45 -4.66
C TRP A 254 13.69 7.24 -3.37
N GLY A 255 14.09 6.66 -2.24
CA GLY A 255 13.70 7.21 -0.96
C GLY A 255 12.26 6.97 -0.60
N ARG A 256 11.63 5.93 -1.17
CA ARG A 256 10.24 5.64 -0.81
C ARG A 256 10.12 5.33 0.68
N PHE A 257 11.02 4.51 1.21
CA PHE A 257 11.15 4.24 2.64
C PHE A 257 12.55 4.58 3.10
N TRP A 258 12.69 4.93 4.38
CA TRP A 258 14.02 5.16 4.94
C TRP A 258 14.51 3.97 5.75
N THR A 259 13.90 2.80 5.52
CA THR A 259 14.12 1.62 6.35
C THR A 259 15.60 1.26 6.45
N ASN A 260 16.34 1.36 5.35
CA ASN A 260 17.72 0.91 5.32
C ASN A 260 18.69 1.93 5.92
N LEU A 261 18.19 3.06 6.41
CA LEU A 261 18.99 4.01 7.14
C LEU A 261 19.09 3.67 8.63
N TYR A 262 18.45 2.59 9.08
CA TYR A 262 18.36 2.31 10.51
C TYR A 262 19.73 2.09 11.14
N SER A 263 20.56 1.27 10.48
CA SER A 263 21.90 1.01 11.00
C SER A 263 22.82 2.22 10.92
N LEU A 264 22.48 3.23 10.13
CA LEU A 264 23.20 4.49 10.12
C LEU A 264 22.64 5.50 11.10
N THR A 265 21.44 5.26 11.65
CA THR A 265 20.78 6.24 12.51
C THR A 265 20.35 5.67 13.85
N VAL A 266 20.67 4.42 14.16
CA VAL A 266 20.11 3.79 15.36
C VAL A 266 20.53 4.58 16.60
N PRO A 267 19.58 5.01 17.44
CA PRO A 267 19.95 5.85 18.59
C PRO A 267 20.85 5.16 19.61
N PHE A 268 20.56 3.91 19.96
CA PHE A 268 21.31 3.18 20.98
C PHE A 268 21.69 1.82 20.40
N GLY A 269 22.80 1.79 19.66
CA GLY A 269 23.19 0.60 18.91
C GLY A 269 23.65 -0.56 19.76
N GLN A 270 24.08 -0.31 20.99
CA GLN A 270 24.51 -1.41 21.86
C GLN A 270 23.33 -2.23 22.38
N LYS A 271 22.11 -1.70 22.27
CA LYS A 271 20.92 -2.44 22.70
C LYS A 271 20.28 -3.07 21.47
N PRO A 272 20.20 -4.40 21.39
CA PRO A 272 19.60 -5.03 20.22
C PRO A 272 18.09 -5.05 20.29
N ASN A 273 17.46 -5.07 19.10
CA ASN A 273 16.02 -5.14 19.02
C ASN A 273 15.54 -6.57 19.26
N ILE A 274 14.24 -6.69 19.58
CA ILE A 274 13.66 -7.99 19.92
C ILE A 274 13.66 -8.88 18.69
N ASP A 275 14.13 -10.12 18.85
CA ASP A 275 14.10 -11.11 17.79
C ASP A 275 13.90 -12.47 18.45
N VAL A 276 12.68 -12.98 18.39
CA VAL A 276 12.33 -14.24 19.05
C VAL A 276 12.51 -15.43 18.10
N THR A 277 13.24 -15.25 16.99
CA THR A 277 13.52 -16.37 16.09
C THR A 277 14.27 -17.46 16.81
N ASP A 278 15.25 -17.09 17.64
CA ASP A 278 15.98 -18.08 18.43
C ASP A 278 15.05 -18.83 19.38
N ALA A 279 14.12 -18.12 20.01
CA ALA A 279 13.17 -18.78 20.90
C ALA A 279 12.27 -19.74 20.13
N MET A 280 11.87 -19.37 18.91
CA MET A 280 10.99 -20.23 18.11
C MET A 280 11.69 -21.53 17.73
N VAL A 281 12.95 -21.45 17.32
CA VAL A 281 13.67 -22.68 16.97
C VAL A 281 13.98 -23.50 18.22
N ASP A 282 14.24 -22.83 19.36
CA ASP A 282 14.51 -23.55 20.60
C ASP A 282 13.26 -24.23 21.15
N GLN A 283 12.08 -23.80 20.72
CA GLN A 283 10.83 -24.45 21.11
C GLN A 283 10.28 -25.36 20.02
N ALA A 284 11.10 -25.66 18.99
CA ALA A 284 10.73 -26.57 17.91
C ALA A 284 9.47 -26.12 17.19
N TRP A 285 9.34 -24.82 16.97
CA TRP A 285 8.20 -24.29 16.25
C TRP A 285 8.32 -24.59 14.76
N ASP A 286 7.18 -24.85 14.13
CA ASP A 286 7.10 -25.05 12.69
C ASP A 286 5.96 -24.19 12.13
N ALA A 287 5.80 -24.24 10.80
CA ALA A 287 4.84 -23.36 10.14
C ALA A 287 3.42 -23.59 10.67
N GLN A 288 3.06 -24.83 10.98
CA GLN A 288 1.74 -25.10 11.51
C GLN A 288 1.53 -24.41 12.86
N ARG A 289 2.56 -24.41 13.71
CA ARG A 289 2.46 -23.77 15.01
C ARG A 289 2.22 -22.27 14.87
N ILE A 290 2.89 -21.63 13.90
CA ILE A 290 2.76 -20.19 13.72
C ILE A 290 1.32 -19.82 13.40
N PHE A 291 0.72 -20.52 12.43
CA PHE A 291 -0.65 -20.18 12.03
C PHE A 291 -1.66 -20.61 13.08
N LYS A 292 -1.34 -21.65 13.87
CA LYS A 292 -2.18 -22.00 15.01
C LYS A 292 -2.16 -20.88 16.05
N GLU A 293 -0.98 -20.30 16.32
CA GLU A 293 -0.90 -19.17 17.23
C GLU A 293 -1.67 -17.98 16.69
N ALA A 294 -1.54 -17.69 15.39
CA ALA A 294 -2.31 -16.61 14.80
C ALA A 294 -3.81 -16.86 14.92
N GLU A 295 -4.25 -18.11 14.70
CA GLU A 295 -5.66 -18.44 14.85
C GLU A 295 -6.14 -18.20 16.27
N LYS A 296 -5.32 -18.58 17.27
CA LYS A 296 -5.70 -18.35 18.66
C LYS A 296 -5.79 -16.87 18.97
N PHE A 297 -4.95 -16.05 18.35
CA PHE A 297 -5.01 -14.61 18.58
C PHE A 297 -6.35 -14.03 18.13
N PHE A 298 -6.78 -14.38 16.92
CA PHE A 298 -8.05 -13.87 16.42
C PHE A 298 -9.23 -14.46 17.19
N VAL A 299 -9.13 -15.73 17.58
CA VAL A 299 -10.18 -16.33 18.38
C VAL A 299 -10.32 -15.60 19.71
N SER A 300 -9.21 -15.12 20.27
CA SER A 300 -9.23 -14.49 21.59
C SER A 300 -9.97 -13.15 21.61
N VAL A 301 -10.21 -12.54 20.45
CA VAL A 301 -10.96 -11.28 20.40
C VAL A 301 -12.41 -11.51 19.97
N GLY A 302 -12.85 -12.76 19.89
CA GLY A 302 -14.20 -13.08 19.50
C GLY A 302 -14.37 -13.54 18.07
N LEU A 303 -13.32 -13.44 17.25
CA LEU A 303 -13.42 -13.81 15.84
C LEU A 303 -13.40 -15.33 15.68
N PRO A 304 -13.99 -15.84 14.60
CA PRO A 304 -14.10 -17.29 14.44
C PRO A 304 -12.77 -17.94 14.10
N ASN A 305 -12.76 -19.27 14.21
CA ASN A 305 -11.62 -20.08 13.83
C ASN A 305 -11.42 -20.05 12.31
N MET A 306 -10.27 -20.57 11.89
CA MET A 306 -10.05 -20.82 10.47
C MET A 306 -10.95 -21.98 10.02
N THR A 307 -11.42 -21.92 8.78
CA THR A 307 -12.23 -23.01 8.24
C THR A 307 -11.40 -24.28 8.12
N GLN A 308 -12.08 -25.42 8.21
CA GLN A 308 -11.39 -26.70 8.01
C GLN A 308 -10.81 -26.78 6.60
N GLY A 309 -11.49 -26.19 5.62
CA GLY A 309 -10.93 -26.11 4.29
C GLY A 309 -9.69 -25.25 4.20
N PHE A 310 -9.56 -24.26 5.10
CA PHE A 310 -8.36 -23.44 5.13
C PHE A 310 -7.11 -24.29 5.39
N TRP A 311 -7.18 -25.15 6.40
CA TRP A 311 -6.02 -25.96 6.77
C TRP A 311 -5.68 -26.99 5.68
N GLU A 312 -6.70 -27.58 5.05
CA GLU A 312 -6.46 -28.63 4.07
C GLU A 312 -5.99 -28.08 2.73
N ASN A 313 -6.43 -26.88 2.34
CA ASN A 313 -6.12 -26.33 1.02
C ASN A 313 -5.00 -25.30 1.02
N SER A 314 -4.60 -24.79 2.18
CA SER A 314 -3.56 -23.77 2.21
C SER A 314 -2.20 -24.38 1.88
N MET A 315 -1.29 -23.52 1.44
CA MET A 315 0.12 -23.87 1.25
C MET A 315 0.92 -22.99 2.22
N LEU A 316 1.33 -23.57 3.34
CA LEU A 316 2.02 -22.83 4.39
C LEU A 316 3.52 -23.09 4.41
N THR A 317 4.04 -23.83 3.43
CA THR A 317 5.48 -24.06 3.33
C THR A 317 5.87 -24.22 1.87
N ASP A 318 7.15 -24.01 1.59
CA ASP A 318 7.67 -24.14 0.23
C ASP A 318 7.56 -25.58 -0.25
N VAL A 326 5.63 -19.43 -6.56
CA VAL A 326 5.52 -18.00 -6.30
C VAL A 326 5.31 -17.77 -4.80
N CYS A 327 6.39 -17.40 -4.10
CA CYS A 327 6.41 -17.34 -2.64
C CYS A 327 5.95 -15.99 -2.09
N HIS A 328 5.26 -15.18 -2.88
CA HIS A 328 4.76 -13.91 -2.39
C HIS A 328 3.61 -14.16 -1.42
N PRO A 329 3.68 -13.70 -0.17
CA PRO A 329 2.64 -14.03 0.81
C PRO A 329 1.30 -13.41 0.42
N THR A 330 0.28 -14.26 0.29
CA THR A 330 -1.03 -13.84 -0.18
C THR A 330 -2.13 -14.53 0.62
N ALA A 331 -3.24 -13.83 0.78
CA ALA A 331 -4.46 -14.39 1.35
C ALA A 331 -5.51 -14.49 0.24
N TRP A 332 -6.14 -15.66 0.14
CA TRP A 332 -7.00 -16.00 -0.99
C TRP A 332 -8.45 -16.12 -0.54
N ASP A 333 -9.34 -15.43 -1.27
CA ASP A 333 -10.79 -15.48 -1.05
C ASP A 333 -11.42 -15.96 -2.36
N LEU A 334 -11.47 -17.27 -2.54
CA LEU A 334 -11.95 -17.86 -3.79
C LEU A 334 -13.47 -17.92 -3.87
N GLY A 335 -14.16 -17.75 -2.75
CA GLY A 335 -15.60 -17.88 -2.71
C GLY A 335 -16.03 -19.29 -2.38
N LYS A 336 -17.34 -19.45 -2.19
CA LYS A 336 -17.95 -20.74 -1.88
C LYS A 336 -17.36 -21.36 -0.61
N GLY A 337 -17.02 -20.51 0.36
CA GLY A 337 -16.46 -20.97 1.62
C GLY A 337 -14.99 -21.36 1.58
N ASP A 338 -14.29 -21.06 0.48
CA ASP A 338 -12.90 -21.46 0.30
C ASP A 338 -12.01 -20.26 0.59
N PHE A 339 -11.31 -20.31 1.73
CA PHE A 339 -10.31 -19.32 2.11
C PHE A 339 -8.97 -20.02 2.27
N ARG A 340 -7.91 -19.39 1.76
CA ARG A 340 -6.58 -19.99 1.79
C ARG A 340 -5.51 -18.92 2.03
N ILE A 341 -4.36 -19.38 2.51
CA ILE A 341 -3.17 -18.55 2.63
C ILE A 341 -2.03 -19.25 1.91
N LEU A 342 -1.31 -18.51 1.06
CA LEU A 342 -0.11 -18.99 0.40
C LEU A 342 1.08 -18.28 1.04
N MET A 343 1.98 -19.06 1.64
CA MET A 343 3.15 -18.48 2.29
C MET A 343 4.25 -19.51 2.35
N CYS A 344 5.45 -19.13 1.90
CA CYS A 344 6.64 -19.97 2.04
C CYS A 344 7.26 -19.70 3.42
N THR A 345 6.54 -20.16 4.44
CA THR A 345 6.83 -19.79 5.81
C THR A 345 8.17 -20.37 6.28
N LYS A 346 8.94 -19.53 6.97
CA LYS A 346 10.13 -19.94 7.71
C LYS A 346 9.88 -19.74 9.21
N VAL A 347 10.73 -20.34 10.02
CA VAL A 347 10.61 -20.22 11.48
C VAL A 347 11.40 -18.98 11.87
N THR A 348 10.77 -17.82 11.70
CA THR A 348 11.36 -16.54 12.03
C THR A 348 10.28 -15.64 12.61
N MET A 349 10.71 -14.58 13.30
CA MET A 349 9.77 -13.60 13.82
C MET A 349 9.06 -12.87 12.69
N ASP A 350 9.78 -12.59 11.60
CA ASP A 350 9.17 -11.89 10.47
C ASP A 350 7.99 -12.66 9.90
N ASP A 351 8.15 -13.97 9.68
CA ASP A 351 7.07 -14.78 9.15
C ASP A 351 5.99 -15.02 10.20
N PHE A 352 6.34 -14.97 11.48
CA PHE A 352 5.32 -14.98 12.52
C PHE A 352 4.43 -13.75 12.42
N LEU A 353 5.03 -12.59 12.15
CA LEU A 353 4.26 -11.37 12.02
C LEU A 353 3.45 -11.35 10.73
N THR A 354 4.07 -11.78 9.62
CA THR A 354 3.37 -11.83 8.34
C THR A 354 2.19 -12.78 8.39
N ALA A 355 2.34 -13.90 9.10
CA ALA A 355 1.22 -14.83 9.25
C ALA A 355 0.04 -14.16 9.93
N HIS A 356 0.29 -13.33 10.94
CA HIS A 356 -0.79 -12.57 11.57
C HIS A 356 -1.38 -11.56 10.59
N HIS A 357 -0.53 -10.97 9.74
CA HIS A 357 -1.01 -10.03 8.74
C HIS A 357 -1.93 -10.72 7.73
N GLU A 358 -1.49 -11.87 7.20
CA GLU A 358 -2.26 -12.50 6.13
C GLU A 358 -3.56 -13.09 6.65
N MET A 359 -3.54 -13.66 7.86
CA MET A 359 -4.78 -14.16 8.44
C MET A 359 -5.75 -13.04 8.75
N GLY A 360 -5.25 -11.83 8.99
CA GLY A 360 -6.13 -10.68 9.13
C GLY A 360 -6.91 -10.39 7.85
N HIS A 361 -6.25 -10.53 6.71
CA HIS A 361 -6.97 -10.45 5.44
C HIS A 361 -8.10 -11.47 5.39
N ILE A 362 -7.81 -12.71 5.80
CA ILE A 362 -8.80 -13.78 5.76
C ILE A 362 -9.97 -13.48 6.70
N GLN A 363 -9.66 -12.98 7.89
CA GLN A 363 -10.72 -12.61 8.82
C GLN A 363 -11.61 -11.53 8.23
N TYR A 364 -11.01 -10.55 7.55
CA TYR A 364 -11.79 -9.56 6.81
C TYR A 364 -12.66 -10.23 5.74
N ASP A 365 -12.07 -11.15 4.97
CA ASP A 365 -12.80 -11.82 3.90
C ASP A 365 -13.97 -12.63 4.46
N MET A 366 -13.73 -13.36 5.55
CA MET A 366 -14.79 -14.20 6.13
C MET A 366 -15.92 -13.35 6.70
N ALA A 367 -15.62 -12.14 7.14
CA ALA A 367 -16.66 -11.32 7.78
C ALA A 367 -17.66 -10.78 6.77
N TYR A 368 -17.23 -10.46 5.56
CA TYR A 368 -18.14 -9.90 4.56
C TYR A 368 -18.54 -10.91 3.48
N ALA A 369 -18.36 -12.21 3.74
CA ALA A 369 -18.62 -13.22 2.73
C ALA A 369 -20.08 -13.25 2.28
N ALA A 370 -21.00 -12.80 3.13
CA ALA A 370 -22.42 -12.84 2.79
C ALA A 370 -22.87 -11.64 1.96
N GLN A 371 -22.00 -10.66 1.72
CA GLN A 371 -22.36 -9.52 0.91
C GLN A 371 -22.49 -9.92 -0.55
N PRO A 372 -23.20 -9.14 -1.36
CA PRO A 372 -23.19 -9.37 -2.82
C PRO A 372 -21.77 -9.37 -3.38
N PHE A 373 -21.63 -10.04 -4.53
CA PHE A 373 -20.31 -10.38 -5.06
C PHE A 373 -19.38 -9.16 -5.12
N LEU A 374 -19.85 -8.07 -5.74
CA LEU A 374 -18.98 -6.91 -5.95
C LEU A 374 -18.73 -6.11 -4.68
N LEU A 375 -19.55 -6.31 -3.66
CA LEU A 375 -19.38 -5.66 -2.36
C LEU A 375 -18.55 -6.49 -1.39
N ARG A 376 -18.02 -7.64 -1.83
CA ARG A 376 -17.09 -8.43 -1.02
C ARG A 376 -15.68 -7.88 -1.22
N ASN A 377 -15.47 -6.67 -0.68
CA ASN A 377 -14.22 -5.94 -0.83
C ASN A 377 -14.03 -5.01 0.37
N GLY A 378 -12.81 -4.51 0.53
CA GLY A 378 -12.55 -3.53 1.57
C GLY A 378 -13.33 -2.25 1.34
N ALA A 379 -13.63 -1.54 2.43
CA ALA A 379 -14.53 -0.38 2.33
C ALA A 379 -13.98 0.67 1.37
N ASN A 380 -12.67 0.86 1.34
CA ASN A 380 -11.99 1.48 0.21
C ASN A 380 -10.62 0.84 0.05
N GLU A 381 -9.83 1.33 -0.90
CA GLU A 381 -8.54 0.73 -1.24
C GLU A 381 -7.56 0.72 -0.05
N GLY A 382 -7.74 1.58 0.95
CA GLY A 382 -6.85 1.57 2.09
C GLY A 382 -7.21 0.63 3.23
N PHE A 383 -8.42 0.05 3.23
CA PHE A 383 -8.91 -0.65 4.42
C PHE A 383 -8.21 -2.00 4.61
N HIS A 384 -8.04 -2.77 3.54
CA HIS A 384 -7.61 -4.16 3.69
C HIS A 384 -6.21 -4.25 4.30
N GLU A 385 -5.28 -3.43 3.82
CA GLU A 385 -3.91 -3.46 4.34
C GLU A 385 -3.82 -2.81 5.71
N ALA A 386 -4.68 -1.83 6.01
CA ALA A 386 -4.77 -1.29 7.37
C ALA A 386 -5.18 -2.38 8.36
N VAL A 387 -6.15 -3.23 7.98
CA VAL A 387 -6.58 -4.31 8.86
C VAL A 387 -5.44 -5.30 9.08
N GLY A 388 -4.71 -5.64 8.02
CA GLY A 388 -3.58 -6.54 8.17
C GLY A 388 -2.47 -5.97 9.03
N GLU A 389 -2.17 -4.67 8.88
CA GLU A 389 -1.06 -4.07 9.60
C GLU A 389 -1.30 -4.07 11.12
N ILE A 390 -2.52 -3.76 11.55
CA ILE A 390 -2.75 -3.67 12.99
C ILE A 390 -2.63 -5.04 13.66
N MET A 391 -2.78 -6.13 12.90
CA MET A 391 -2.60 -7.46 13.48
C MET A 391 -1.15 -7.70 13.87
N SER A 392 -0.21 -7.35 12.99
CA SER A 392 1.19 -7.55 13.29
C SER A 392 1.71 -6.56 14.32
N LEU A 393 1.06 -5.40 14.45
CA LEU A 393 1.42 -4.47 15.52
C LEU A 393 1.21 -5.13 16.88
N SER A 394 0.05 -5.72 17.10
CA SER A 394 -0.25 -6.37 18.39
C SER A 394 0.67 -7.56 18.63
N ALA A 395 0.93 -8.34 17.57
CA ALA A 395 1.66 -9.59 17.74
C ALA A 395 3.13 -9.36 18.09
N ALA A 396 3.70 -8.22 17.68
CA ALA A 396 5.11 -7.94 17.91
C ALA A 396 5.40 -7.26 19.23
N THR A 397 4.37 -6.85 19.97
CA THR A 397 4.61 -6.19 21.25
C THR A 397 5.17 -7.18 22.26
N PRO A 398 6.05 -6.73 23.15
CA PRO A 398 6.55 -7.63 24.20
C PRO A 398 5.45 -8.20 25.08
N LYS A 399 4.37 -7.45 25.29
CA LYS A 399 3.25 -7.97 26.08
C LYS A 399 2.67 -9.22 25.43
N HIS A 400 2.53 -9.20 24.10
CA HIS A 400 1.99 -10.37 23.40
C HIS A 400 2.99 -11.52 23.37
N LEU A 401 4.26 -11.22 23.06
CA LEU A 401 5.26 -12.27 22.98
C LEU A 401 5.52 -12.92 24.33
N LYS A 402 5.32 -12.18 25.42
CA LYS A 402 5.43 -12.76 26.75
C LYS A 402 4.26 -13.67 27.07
N SER A 403 3.06 -13.31 26.59
CA SER A 403 1.88 -14.10 26.88
C SER A 403 1.96 -15.50 26.27
N ILE A 404 2.49 -15.62 25.07
CA ILE A 404 2.54 -16.90 24.37
C ILE A 404 3.90 -17.57 24.59
N GLY A 405 4.68 -17.01 25.51
CA GLY A 405 5.86 -17.69 25.99
C GLY A 405 7.05 -17.68 25.05
N LEU A 406 7.12 -16.76 24.09
CA LEU A 406 8.33 -16.59 23.30
C LEU A 406 9.26 -15.54 23.88
N LEU A 407 8.89 -14.90 24.98
CA LEU A 407 9.73 -13.92 25.65
C LEU A 407 9.77 -14.24 27.14
N SER A 408 10.90 -13.94 27.77
CA SER A 408 11.08 -14.27 29.17
C SER A 408 10.05 -13.56 30.03
N PRO A 409 9.44 -14.24 31.01
CA PRO A 409 8.41 -13.60 31.83
C PRO A 409 8.90 -12.38 32.59
N ASP A 410 10.19 -12.29 32.87
CA ASP A 410 10.77 -11.16 33.59
C ASP A 410 11.13 -10.00 32.67
N PHE A 411 10.78 -10.10 31.39
CA PHE A 411 11.17 -9.07 30.41
C PHE A 411 10.57 -7.71 30.75
N GLN A 412 11.40 -6.67 30.67
CA GLN A 412 10.96 -5.29 30.80
C GLN A 412 11.62 -4.48 29.69
N GLU A 413 10.80 -3.91 28.80
CA GLU A 413 11.33 -3.00 27.80
C GLU A 413 11.72 -1.68 28.48
N ASP A 414 12.88 -1.17 28.13
CA ASP A 414 13.44 -0.01 28.82
C ASP A 414 13.36 1.23 27.94
N ASN A 415 13.94 2.33 28.44
CA ASN A 415 13.92 3.60 27.74
C ASN A 415 14.48 3.47 26.32
N GLU A 416 15.66 2.88 26.19
CA GLU A 416 16.42 2.96 24.96
C GLU A 416 15.92 1.97 23.91
N THR A 417 15.46 0.79 24.32
CA THR A 417 14.90 -0.15 23.35
C THR A 417 13.61 0.40 22.76
N GLU A 418 12.81 1.09 23.56
CA GLU A 418 11.58 1.68 23.05
C GLU A 418 11.88 2.76 22.02
N ILE A 419 12.91 3.59 22.26
CA ILE A 419 13.26 4.63 21.31
C ILE A 419 13.77 4.00 20.00
N ASN A 420 14.61 2.96 20.10
CA ASN A 420 15.11 2.29 18.91
C ASN A 420 13.96 1.73 18.06
N PHE A 421 12.98 1.10 18.70
CA PHE A 421 11.87 0.52 17.96
C PHE A 421 11.05 1.60 17.26
N LEU A 422 10.71 2.68 17.99
CA LEU A 422 9.89 3.73 17.40
C LEU A 422 10.61 4.43 16.25
N LEU A 423 11.93 4.63 16.38
CA LEU A 423 12.70 5.24 15.30
C LEU A 423 12.71 4.33 14.07
N LYS A 424 12.90 3.02 14.26
CA LYS A 424 12.84 2.10 13.14
C LYS A 424 11.47 2.12 12.49
N GLN A 425 10.41 2.16 13.30
CA GLN A 425 9.06 2.27 12.77
C GLN A 425 8.86 3.57 11.99
N ALA A 426 9.40 4.68 12.52
CA ALA A 426 9.23 5.97 11.87
C ALA A 426 9.96 6.05 10.53
N LEU A 427 11.12 5.41 10.40
CA LEU A 427 11.85 5.46 9.14
C LEU A 427 11.04 4.84 8.01
N THR A 428 10.25 3.81 8.32
CA THR A 428 9.38 3.18 7.33
C THR A 428 8.05 3.91 7.21
N ILE A 429 7.35 4.10 8.33
CA ILE A 429 5.96 4.58 8.31
C ILE A 429 5.90 6.07 8.05
N VAL A 430 6.67 6.86 8.81
CA VAL A 430 6.63 8.31 8.68
C VAL A 430 7.42 8.77 7.45
N GLY A 431 8.57 8.14 7.19
CA GLY A 431 9.39 8.55 6.06
C GLY A 431 8.67 8.47 4.73
N THR A 432 7.77 7.49 4.58
CA THR A 432 7.12 7.32 3.28
C THR A 432 5.96 8.30 3.07
N LEU A 433 5.46 8.94 4.13
CA LEU A 433 4.28 9.80 3.97
C LEU A 433 4.55 11.03 3.11
N PRO A 434 5.59 11.84 3.35
CA PRO A 434 5.85 12.95 2.41
C PRO A 434 6.18 12.48 1.00
N PHE A 435 6.89 11.35 0.89
CA PHE A 435 7.18 10.79 -0.43
C PHE A 435 5.89 10.45 -1.18
N THR A 436 4.97 9.75 -0.51
CA THR A 436 3.75 9.29 -1.15
C THR A 436 2.84 10.46 -1.51
N TYR A 437 2.72 11.43 -0.61
CA TYR A 437 1.91 12.61 -0.90
C TYR A 437 2.48 13.40 -2.07
N MET A 438 3.78 13.68 -2.04
CA MET A 438 4.37 14.50 -3.07
C MET A 438 4.30 13.82 -4.44
N LEU A 439 4.52 12.51 -4.50
CA LEU A 439 4.45 11.83 -5.80
C LEU A 439 3.04 11.91 -6.37
N GLU A 440 2.02 11.58 -5.57
CA GLU A 440 0.66 11.60 -6.08
C GLU A 440 0.20 13.01 -6.42
N LYS A 441 0.63 14.00 -5.64
CA LYS A 441 0.30 15.39 -5.96
C LYS A 441 0.84 15.79 -7.32
N TRP A 442 2.07 15.36 -7.65
CA TRP A 442 2.65 15.67 -8.96
C TRP A 442 1.83 15.04 -10.09
N ARG A 443 1.48 13.75 -9.96
CA ARG A 443 0.61 13.09 -10.92
C ARG A 443 -0.74 13.81 -11.05
N TRP A 444 -1.37 14.15 -9.90
CA TRP A 444 -2.66 14.83 -9.93
C TRP A 444 -2.57 16.15 -10.68
N MET A 445 -1.52 16.92 -10.42
CA MET A 445 -1.30 18.19 -11.12
C MET A 445 -1.00 17.98 -12.60
N VAL A 446 -0.20 16.96 -12.91
CA VAL A 446 0.09 16.66 -14.32
C VAL A 446 -1.19 16.28 -15.04
N PHE A 447 -1.98 15.39 -14.45
CA PHE A 447 -3.26 15.01 -15.06
C PHE A 447 -4.18 16.21 -15.19
N LYS A 448 -4.19 17.09 -14.18
CA LYS A 448 -5.00 18.31 -14.22
C LYS A 448 -4.55 19.27 -15.31
N GLY A 449 -3.34 19.11 -15.81
CA GLY A 449 -2.79 20.06 -16.76
C GLY A 449 -2.14 21.26 -16.15
N GLU A 450 -1.86 21.23 -14.84
CA GLU A 450 -1.24 22.35 -14.15
C GLU A 450 0.27 22.40 -14.32
N ILE A 451 0.91 21.31 -14.72
CA ILE A 451 2.35 21.31 -14.95
C ILE A 451 2.60 21.11 -16.44
N PRO A 452 3.07 22.12 -17.17
CA PRO A 452 3.40 21.92 -18.59
C PRO A 452 4.54 20.92 -18.78
N LYS A 453 4.53 20.29 -19.95
CA LYS A 453 5.49 19.23 -20.26
C LYS A 453 6.93 19.74 -20.17
N ASP A 454 7.16 20.97 -20.61
CA ASP A 454 8.49 21.54 -20.53
C ASP A 454 8.89 21.94 -19.10
N GLN A 455 8.07 21.61 -18.09
CA GLN A 455 8.42 21.86 -16.69
C GLN A 455 8.17 20.65 -15.80
N TRP A 456 7.97 19.46 -16.39
CA TRP A 456 7.64 18.27 -15.61
C TRP A 456 8.71 17.96 -14.58
N MET A 457 9.96 17.89 -15.01
CA MET A 457 11.05 17.58 -14.10
C MET A 457 11.45 18.78 -13.25
N LYS A 458 11.29 20.00 -13.78
CA LYS A 458 11.56 21.18 -12.97
C LYS A 458 10.62 21.24 -11.77
N LYS A 459 9.33 20.98 -11.98
CA LYS A 459 8.37 20.99 -10.88
C LYS A 459 8.50 19.73 -10.01
N TRP A 460 8.86 18.60 -10.60
CA TRP A 460 9.05 17.40 -9.79
C TRP A 460 10.11 17.61 -8.71
N TRP A 461 11.24 18.21 -9.07
CA TRP A 461 12.31 18.42 -8.11
C TRP A 461 12.08 19.64 -7.23
N GLU A 462 11.32 20.63 -7.70
CA GLU A 462 10.87 21.71 -6.82
C GLU A 462 10.00 21.16 -5.70
N MET A 463 9.11 20.22 -6.03
CA MET A 463 8.22 19.61 -5.05
C MET A 463 8.96 18.62 -4.16
N LYS A 464 9.91 17.86 -4.72
CA LYS A 464 10.77 17.02 -3.89
C LYS A 464 11.50 17.84 -2.83
N ARG A 465 12.05 18.98 -3.23
CA ARG A 465 12.80 19.82 -2.30
C ARG A 465 11.88 20.40 -1.23
N GLU A 466 10.74 20.95 -1.64
CA GLU A 466 9.88 21.69 -0.72
C GLU A 466 9.09 20.75 0.20
N ILE A 467 8.46 19.72 -0.37
CA ILE A 467 7.59 18.84 0.40
C ILE A 467 8.38 17.75 1.11
N VAL A 468 9.33 17.13 0.43
CA VAL A 468 10.03 15.96 0.96
C VAL A 468 11.36 16.31 1.65
N GLY A 469 11.90 17.50 1.41
CA GLY A 469 13.24 17.81 1.88
C GLY A 469 14.34 16.96 1.25
N VAL A 470 14.20 16.66 -0.05
CA VAL A 470 15.12 15.80 -0.79
C VAL A 470 15.51 16.50 -2.09
N VAL A 471 16.79 16.44 -2.45
CA VAL A 471 17.33 17.20 -3.57
C VAL A 471 18.05 16.25 -4.53
N GLU A 472 17.87 16.50 -5.81
CA GLU A 472 18.52 15.69 -6.84
C GLU A 472 20.04 15.90 -6.78
N PRO A 473 20.84 14.84 -6.79
CA PRO A 473 22.30 15.01 -6.75
C PRO A 473 22.89 15.54 -8.04
N VAL A 474 22.18 15.40 -9.16
CA VAL A 474 22.61 16.00 -10.43
C VAL A 474 21.40 16.60 -11.12
N PRO A 475 21.61 17.67 -11.89
CA PRO A 475 20.48 18.31 -12.57
C PRO A 475 19.87 17.41 -13.65
N HIS A 476 18.55 17.48 -13.80
CA HIS A 476 17.81 16.66 -14.74
C HIS A 476 16.92 17.54 -15.59
N ASP A 477 17.15 17.56 -16.89
CA ASP A 477 16.32 18.35 -17.79
C ASP A 477 15.07 17.54 -18.15
N GLU A 478 14.32 18.01 -19.15
CA GLU A 478 13.03 17.41 -19.49
C GLU A 478 13.16 16.18 -20.39
N THR A 479 14.36 15.70 -20.68
CA THR A 479 14.50 14.38 -21.29
C THR A 479 14.34 13.25 -20.28
N TYR A 480 14.39 13.55 -18.98
CA TYR A 480 14.18 12.57 -17.93
C TYR A 480 12.70 12.42 -17.62
N CYS A 481 12.33 11.24 -17.11
CA CYS A 481 11.03 11.03 -16.45
C CYS A 481 11.29 10.30 -15.13
N ASP A 482 11.71 11.05 -14.12
CA ASP A 482 12.09 10.44 -12.84
C ASP A 482 10.92 9.74 -12.14
N PRO A 483 9.72 10.32 -12.06
CA PRO A 483 8.59 9.55 -11.49
C PRO A 483 8.38 8.18 -12.11
N ALA A 484 8.47 8.07 -13.45
CA ALA A 484 8.22 6.80 -14.11
C ALA A 484 9.28 5.76 -13.79
N SER A 485 10.41 6.15 -13.19
CA SER A 485 11.39 5.17 -12.77
C SER A 485 10.94 4.36 -11.55
N LEU A 486 9.78 4.69 -10.96
CA LEU A 486 9.18 3.88 -9.89
C LEU A 486 8.11 2.95 -10.47
N PHE A 487 8.05 1.73 -9.93
CA PHE A 487 7.18 0.69 -10.49
C PHE A 487 5.73 1.17 -10.64
N HIS A 488 5.17 1.76 -9.59
CA HIS A 488 3.75 2.12 -9.59
C HIS A 488 3.42 3.16 -10.65
N VAL A 489 4.35 4.04 -10.97
CA VAL A 489 4.07 5.06 -11.96
C VAL A 489 4.11 4.48 -13.37
N SER A 490 5.12 3.69 -13.67
CA SER A 490 5.25 3.11 -14.99
C SER A 490 4.28 1.98 -15.24
N ASN A 491 3.71 1.39 -14.18
CA ASN A 491 2.76 0.30 -14.30
C ASN A 491 1.32 0.74 -14.02
N ASP A 492 1.06 2.05 -13.95
CA ASP A 492 -0.29 2.61 -13.93
C ASP A 492 -1.09 2.18 -12.70
N TYR A 493 -0.52 2.44 -11.52
CA TYR A 493 -1.18 2.19 -10.26
C TYR A 493 -1.28 3.48 -9.46
N SER A 494 -2.45 3.73 -8.88
CA SER A 494 -2.60 4.85 -7.97
C SER A 494 -1.75 4.61 -6.72
N PHE A 495 -1.34 5.72 -6.09
CA PHE A 495 -0.37 5.66 -5.01
C PHE A 495 -0.90 6.15 -3.68
N ILE A 496 -1.97 6.97 -3.67
CA ILE A 496 -2.41 7.60 -2.43
C ILE A 496 -2.94 6.57 -1.43
N ARG A 497 -3.21 5.34 -1.86
CA ARG A 497 -3.62 4.30 -0.92
C ARG A 497 -2.58 4.06 0.17
N TYR A 498 -1.29 4.24 -0.14
CA TYR A 498 -0.28 4.02 0.89
C TYR A 498 -0.29 5.12 1.95
N TYR A 499 -0.80 6.30 1.60
CA TYR A 499 -0.98 7.37 2.56
C TYR A 499 -2.23 7.14 3.41
N THR A 500 -3.39 6.91 2.78
CA THR A 500 -4.62 6.73 3.54
C THR A 500 -4.58 5.46 4.39
N ARG A 501 -4.03 4.37 3.85
CA ARG A 501 -3.90 3.15 4.64
C ARG A 501 -3.10 3.41 5.92
N THR A 502 -2.02 4.19 5.83
CA THR A 502 -1.19 4.43 7.01
C THR A 502 -1.96 5.17 8.10
N LEU A 503 -2.71 6.20 7.72
CA LEU A 503 -3.49 6.92 8.72
C LEU A 503 -4.59 6.04 9.30
N TYR A 504 -5.25 5.23 8.45
CA TYR A 504 -6.33 4.35 8.92
C TYR A 504 -5.83 3.37 9.97
N GLN A 505 -4.65 2.77 9.74
CA GLN A 505 -4.20 1.69 10.61
C GLN A 505 -3.96 2.18 12.04
N PHE A 506 -3.48 3.41 12.20
CA PHE A 506 -3.32 3.94 13.56
C PHE A 506 -4.64 4.42 14.13
N GLN A 507 -5.57 4.86 13.29
CA GLN A 507 -6.92 5.15 13.77
C GLN A 507 -7.58 3.87 14.29
N PHE A 508 -7.46 2.78 13.54
CA PHE A 508 -7.98 1.49 13.98
C PHE A 508 -7.35 1.07 15.30
N GLN A 509 -6.02 1.08 15.37
CA GLN A 509 -5.35 0.53 16.54
C GLN A 509 -5.69 1.32 17.80
N GLU A 510 -5.74 2.66 17.68
CA GLU A 510 -6.04 3.47 18.86
C GLU A 510 -7.45 3.20 19.37
N ALA A 511 -8.42 3.06 18.47
CA ALA A 511 -9.79 2.75 18.89
C ALA A 511 -9.87 1.36 19.52
N LEU A 512 -9.22 0.37 18.90
CA LEU A 512 -9.26 -0.98 19.45
C LEU A 512 -8.58 -1.04 20.81
N CYS A 513 -7.51 -0.28 21.00
CA CYS A 513 -6.79 -0.31 22.27
C CYS A 513 -7.53 0.44 23.37
N GLN A 514 -8.27 1.49 23.02
CA GLN A 514 -9.14 2.14 23.99
C GLN A 514 -10.30 1.23 24.38
N ALA A 515 -10.82 0.46 23.44
CA ALA A 515 -11.83 -0.54 23.77
C ALA A 515 -11.26 -1.64 24.64
N ALA A 516 -9.97 -1.95 24.49
CA ALA A 516 -9.30 -2.94 25.32
C ALA A 516 -8.78 -2.36 26.63
N LYS A 517 -9.05 -1.08 26.90
CA LYS A 517 -8.64 -0.42 28.13
C LYS A 517 -7.12 -0.50 28.34
N HIS A 518 -6.38 -0.27 27.25
CA HIS A 518 -4.93 -0.33 27.32
C HIS A 518 -4.38 0.83 28.16
N GLU A 519 -3.40 0.51 29.02
CA GLU A 519 -2.76 1.49 29.87
C GLU A 519 -1.32 1.67 29.40
N GLY A 520 -0.92 2.91 29.16
CA GLY A 520 0.43 3.21 28.72
C GLY A 520 0.45 3.68 27.29
N PRO A 521 1.65 3.89 26.74
CA PRO A 521 1.75 4.38 25.37
C PRO A 521 1.18 3.40 24.35
N LEU A 522 0.65 3.97 23.26
CA LEU A 522 -0.04 3.19 22.24
C LEU A 522 0.83 2.07 21.69
N HIS A 523 2.11 2.32 21.46
CA HIS A 523 2.94 1.37 20.72
C HIS A 523 3.15 0.05 21.45
N LYS A 524 2.86 -0.02 22.74
CA LYS A 524 2.99 -1.27 23.49
C LYS A 524 1.68 -2.04 23.60
N CYS A 525 0.62 -1.56 22.96
CA CYS A 525 -0.70 -2.14 23.17
C CYS A 525 -0.86 -3.48 22.45
N ASP A 526 -1.53 -4.41 23.12
CA ASP A 526 -1.92 -5.69 22.55
C ASP A 526 -3.42 -5.85 22.77
N ILE A 527 -4.16 -6.13 21.69
CA ILE A 527 -5.61 -6.21 21.74
C ILE A 527 -6.05 -7.63 22.09
N SER A 528 -5.09 -8.49 22.39
CA SER A 528 -5.39 -9.90 22.65
C SER A 528 -6.32 -10.05 23.86
N ASN A 529 -7.20 -11.05 23.78
CA ASN A 529 -8.17 -11.40 24.81
C ASN A 529 -9.19 -10.29 25.06
N SER A 530 -9.41 -9.40 24.08
CA SER A 530 -10.36 -8.32 24.21
C SER A 530 -11.51 -8.57 23.23
N THR A 531 -12.60 -9.15 23.74
CA THR A 531 -13.76 -9.38 22.87
C THR A 531 -14.47 -8.08 22.52
N GLU A 532 -14.31 -7.02 23.33
CA GLU A 532 -14.88 -5.73 22.97
C GLU A 532 -14.14 -5.12 21.79
N ALA A 533 -12.82 -5.32 21.71
CA ALA A 533 -12.08 -4.85 20.55
C ALA A 533 -12.50 -5.59 19.29
N GLY A 534 -12.63 -6.92 19.37
CA GLY A 534 -13.03 -7.70 18.20
C GLY A 534 -14.42 -7.34 17.73
N GLN A 535 -15.34 -7.07 18.66
CA GLN A 535 -16.68 -6.65 18.29
C GLN A 535 -16.65 -5.32 17.54
N LYS A 536 -15.88 -4.36 18.07
CA LYS A 536 -15.74 -3.07 17.38
C LYS A 536 -15.18 -3.28 15.98
N LEU A 537 -14.13 -4.10 15.86
CA LEU A 537 -13.53 -4.34 14.56
C LEU A 537 -14.47 -5.10 13.64
N PHE A 538 -15.13 -6.14 14.16
CA PHE A 538 -16.00 -6.95 13.31
C PHE A 538 -17.16 -6.13 12.76
N ASN A 539 -17.62 -5.13 13.51
CA ASN A 539 -18.73 -4.29 13.05
C ASN A 539 -18.39 -3.60 11.72
N MET A 540 -17.11 -3.32 11.48
CA MET A 540 -16.70 -2.78 10.19
C MET A 540 -16.35 -3.87 9.18
N LEU A 541 -15.76 -4.96 9.66
CA LEU A 541 -15.32 -6.03 8.75
C LEU A 541 -16.51 -6.66 8.01
N ARG A 542 -17.64 -6.83 8.70
CA ARG A 542 -18.79 -7.45 8.07
C ARG A 542 -19.35 -6.60 6.93
N LEU A 543 -19.17 -5.28 6.99
CA LEU A 543 -19.84 -4.42 6.01
C LEU A 543 -19.28 -4.61 4.60
N GLY A 544 -18.02 -5.04 4.49
CA GLY A 544 -17.41 -5.08 3.17
C GLY A 544 -17.47 -3.70 2.54
N LYS A 545 -17.98 -3.64 1.32
CA LYS A 545 -18.16 -2.39 0.60
C LYS A 545 -19.61 -1.96 0.52
N SER A 546 -20.49 -2.55 1.35
CA SER A 546 -21.93 -2.30 1.26
C SER A 546 -22.34 -0.96 1.86
N GLU A 547 -21.48 -0.33 2.64
CA GLU A 547 -21.72 0.97 3.23
C GLU A 547 -20.59 1.92 2.84
N PRO A 548 -20.83 3.23 2.88
CA PRO A 548 -19.75 4.18 2.60
C PRO A 548 -18.59 3.97 3.56
N TRP A 549 -17.38 4.15 3.04
CA TRP A 549 -16.19 3.97 3.87
C TRP A 549 -16.18 4.94 5.05
N THR A 550 -16.79 6.11 4.88
CA THR A 550 -16.94 7.04 6.00
C THR A 550 -17.77 6.42 7.12
N LEU A 551 -18.86 5.73 6.78
CA LEU A 551 -19.65 5.04 7.79
C LEU A 551 -18.87 3.86 8.38
N ALA A 552 -18.20 3.08 7.53
CA ALA A 552 -17.47 1.91 8.02
C ALA A 552 -16.34 2.32 8.95
N LEU A 553 -15.65 3.42 8.62
CA LEU A 553 -14.62 3.94 9.52
C LEU A 553 -15.22 4.37 10.84
N GLU A 554 -16.40 4.99 10.80
CA GLU A 554 -17.08 5.43 12.02
C GLU A 554 -17.45 4.26 12.92
N ASN A 555 -17.73 3.09 12.34
CA ASN A 555 -18.09 1.93 13.16
C ASN A 555 -16.96 1.51 14.09
N VAL A 556 -15.70 1.73 13.71
CA VAL A 556 -14.57 1.35 14.54
C VAL A 556 -14.12 2.50 15.44
N VAL A 557 -13.89 3.66 14.85
CA VAL A 557 -13.18 4.74 15.53
C VAL A 557 -14.08 5.88 15.98
N GLY A 558 -15.37 5.84 15.65
CA GLY A 558 -16.27 6.87 16.10
C GLY A 558 -16.19 8.18 15.36
N ALA A 559 -15.43 8.23 14.26
CA ALA A 559 -15.29 9.42 13.44
C ALA A 559 -15.46 9.04 11.98
N LYS A 560 -15.90 10.00 11.17
CA LYS A 560 -16.24 9.75 9.78
C LYS A 560 -15.10 10.02 8.81
N ASN A 561 -13.95 10.52 9.25
CA ASN A 561 -12.95 10.95 8.30
C ASN A 561 -11.55 10.53 8.73
N MET A 562 -10.64 10.51 7.75
CA MET A 562 -9.22 10.33 8.01
C MET A 562 -8.72 11.33 9.03
N ASN A 563 -7.89 10.85 9.95
CA ASN A 563 -7.38 11.68 11.03
C ASN A 563 -5.98 11.22 11.40
N VAL A 564 -5.04 12.16 11.50
CA VAL A 564 -3.66 11.77 11.71
C VAL A 564 -3.25 11.85 13.19
N ARG A 565 -4.12 12.33 14.07
CA ARG A 565 -3.78 12.39 15.49
C ARG A 565 -3.42 11.03 16.08
N PRO A 566 -4.11 9.93 15.79
CA PRO A 566 -3.64 8.63 16.31
C PRO A 566 -2.22 8.27 15.89
N LEU A 567 -1.83 8.55 14.64
CA LEU A 567 -0.45 8.30 14.25
C LEU A 567 0.51 9.14 15.08
N LEU A 568 0.17 10.42 15.29
CA LEU A 568 1.03 11.30 16.10
C LEU A 568 1.11 10.81 17.54
N ASN A 569 0.00 10.28 18.07
CA ASN A 569 0.03 9.71 19.42
C ASN A 569 0.95 8.49 19.49
N TYR A 570 0.93 7.65 18.45
CA TYR A 570 1.78 6.46 18.44
C TYR A 570 3.25 6.83 18.54
N PHE A 571 3.67 7.88 17.83
CA PHE A 571 5.08 8.28 17.79
C PHE A 571 5.43 9.38 18.78
N GLU A 572 4.52 9.71 19.70
CA GLU A 572 4.78 10.79 20.65
C GLU A 572 6.04 10.56 21.49
N PRO A 573 6.32 9.37 22.02
CA PRO A 573 7.60 9.21 22.73
C PRO A 573 8.81 9.50 21.86
N LEU A 574 8.76 9.11 20.58
CA LEU A 574 9.87 9.42 19.68
C LEU A 574 9.94 10.91 19.39
N PHE A 575 8.77 11.55 19.16
CA PHE A 575 8.75 12.98 18.90
C PHE A 575 9.37 13.77 20.04
N THR A 576 9.07 13.39 21.28
CA THR A 576 9.64 14.07 22.44
C THR A 576 11.15 13.88 22.48
N TRP A 577 11.62 12.67 22.24
CA TRP A 577 13.06 12.39 22.23
C TRP A 577 13.76 13.12 21.10
N LEU A 578 13.16 13.18 19.91
CA LEU A 578 13.77 13.86 18.77
C LEU A 578 13.94 15.35 19.03
N LYS A 579 12.93 15.98 19.63
CA LYS A 579 13.02 17.40 19.94
C LYS A 579 14.21 17.70 20.83
N ASP A 580 14.42 16.87 21.86
CA ASP A 580 15.60 17.02 22.71
C ASP A 580 16.88 16.75 21.94
N GLN A 581 16.87 15.72 21.08
CA GLN A 581 18.06 15.39 20.30
C GLN A 581 18.45 16.54 19.37
N ASN A 582 17.45 17.22 18.79
CA ASN A 582 17.64 18.23 17.76
C ASN A 582 17.85 19.63 18.31
N LYS A 583 17.96 19.79 19.63
CA LYS A 583 17.97 21.14 20.19
C LYS A 583 19.25 21.92 19.85
N ASN A 584 20.28 21.27 19.30
CA ASN A 584 21.45 21.99 18.79
C ASN A 584 21.62 21.82 17.29
N SER A 585 20.55 21.47 16.57
CA SER A 585 20.59 21.30 15.13
C SER A 585 19.51 22.15 14.50
N PHE A 586 19.67 22.40 13.20
CA PHE A 586 18.58 23.02 12.43
C PHE A 586 17.47 22.01 12.19
N VAL A 587 16.24 22.48 12.28
CA VAL A 587 15.06 21.65 12.03
C VAL A 587 14.35 22.24 10.83
N GLY A 588 14.18 21.44 9.79
CA GLY A 588 13.75 21.94 8.51
C GLY A 588 14.92 22.05 7.55
N TRP A 589 14.64 22.59 6.37
CA TRP A 589 15.63 22.63 5.31
C TRP A 589 15.39 23.85 4.42
N SER A 590 16.47 24.29 3.77
CA SER A 590 16.40 25.28 2.70
C SER A 590 16.37 24.54 1.37
N THR A 591 15.48 24.97 0.47
CA THR A 591 15.41 24.37 -0.86
C THR A 591 16.49 24.89 -1.81
N ASP A 592 17.38 25.78 -1.34
CA ASP A 592 18.35 26.39 -2.24
C ASP A 592 19.58 25.52 -2.47
N TRP A 593 20.04 24.80 -1.46
CA TRP A 593 21.27 24.03 -1.58
C TRP A 593 21.08 22.80 -2.47
N SER A 594 22.11 22.48 -3.25
CA SER A 594 22.12 21.24 -4.01
C SER A 594 23.54 20.68 -4.01
N PRO A 595 23.68 19.36 -4.14
CA PRO A 595 25.02 18.76 -4.21
C PRO A 595 25.87 19.28 -5.36
N TYR A 596 25.26 19.69 -6.47
CA TYR A 596 26.02 20.06 -7.65
C TYR A 596 26.23 21.56 -7.79
N ALA A 597 25.57 22.38 -6.99
CA ALA A 597 25.76 23.83 -7.08
C ALA A 597 26.91 24.26 -6.18
C ACE B 1 -2.64 -13.74 -10.85
O ACE B 1 -2.77 -14.75 -10.18
CH3 ACE B 1 -1.65 -13.65 -11.98
N TYR B 2 -3.36 -12.65 -10.63
CA TYR B 2 -4.37 -12.58 -9.57
C TYR B 2 -5.69 -12.08 -10.10
N PHE B 3 -6.76 -12.82 -9.84
CA PHE B 3 -8.09 -12.41 -10.23
C PHE B 3 -8.77 -11.71 -9.05
N GLN B 4 -9.60 -10.71 -9.37
CA GLN B 4 -10.17 -9.85 -8.34
C GLN B 4 -11.66 -9.66 -8.60
N ARG B 5 -12.36 -9.30 -7.52
CA ARG B 5 -13.77 -8.92 -7.58
C ARG B 5 -13.88 -7.42 -7.87
N SER B 6 -13.51 -7.06 -9.11
CA SER B 6 -13.43 -5.67 -9.51
C SER B 6 -13.66 -5.53 -11.01
N VAL B 7 -14.36 -4.46 -11.38
CA VAL B 7 -14.65 -4.14 -12.78
C VAL B 7 -13.60 -3.19 -13.39
N ARG B 8 -12.74 -2.61 -12.55
CA ARG B 8 -11.70 -1.70 -13.02
C ARG B 8 -10.36 -2.38 -13.19
N LEU B 9 -10.13 -3.49 -12.49
CA LEU B 9 -8.86 -4.20 -12.46
C LEU B 9 -9.17 -5.67 -12.15
N PRO B 10 -9.85 -6.39 -13.05
CA PRO B 10 -10.20 -7.79 -12.77
C PRO B 10 -9.00 -8.71 -12.67
N TYR B 11 -8.00 -8.48 -13.50
CA TYR B 11 -6.78 -9.27 -13.52
C TYR B 11 -5.62 -8.42 -13.03
N LEU B 12 -4.83 -8.96 -12.10
CA LEU B 12 -3.58 -8.35 -11.67
C LEU B 12 -2.43 -9.27 -12.03
N ARG B 13 -1.31 -8.69 -12.44
CA ARG B 13 -0.17 -9.49 -12.88
C ARG B 13 0.44 -10.25 -11.71
N CYS B 14 0.87 -11.47 -11.99
CA CYS B 14 1.49 -12.33 -10.96
C CYS B 14 3.00 -12.15 -10.94
N NH2 B 15 3.52 -13.27 -10.24
C1 NAG C . -21.07 3.56 -21.41
C2 NAG C . -22.04 4.61 -20.79
C3 NAG C . -23.39 4.58 -21.49
C4 NAG C . -23.25 4.61 -23.01
C5 NAG C . -22.31 3.50 -23.44
C6 NAG C . -22.10 3.40 -24.93
C7 NAG C . -21.68 5.17 -18.40
C8 NAG C . -21.96 4.76 -16.98
N2 NAG C . -22.20 4.38 -19.36
O3 NAG C . -24.18 5.67 -21.01
O4 NAG C . -24.49 4.44 -23.67
O5 NAG C . -21.02 3.72 -22.85
O6 NAG C . -20.88 2.72 -25.22
O7 NAG C . -21.03 6.17 -18.68
C1 NAG C . -25.03 5.68 -24.20
C2 NAG C . -25.97 5.35 -25.37
C3 NAG C . -26.62 6.63 -25.91
C4 NAG C . -27.30 7.40 -24.78
C5 NAG C . -26.31 7.66 -23.65
C6 NAG C . -26.95 8.32 -22.45
C7 NAG C . -25.37 3.37 -26.68
C8 NAG C . -24.57 2.84 -27.83
N2 NAG C . -25.26 4.68 -26.44
O3 NAG C . -27.59 6.29 -26.90
O4 NAG C . -27.83 8.62 -25.27
O5 NAG C . -25.74 6.42 -23.20
O6 NAG C . -26.78 9.74 -22.47
O7 NAG C . -26.08 2.64 -25.99
C1 FUC C . -21.24 1.45 -25.75
C2 FUC C . -20.07 0.66 -26.36
C3 FUC C . -19.00 0.33 -25.28
C4 FUC C . -19.57 -0.47 -24.15
C5 FUC C . -20.86 0.22 -23.62
C6 FUC C . -21.56 -0.61 -22.59
O2 FUC C . -19.53 1.30 -27.53
O3 FUC C . -17.92 -0.46 -25.88
O4 FUC C . -19.82 -1.82 -24.55
O5 FUC C . -21.82 0.63 -24.67
C1 NAG D . -32.42 -3.80 -1.48
C2 NAG D . -33.08 -3.58 -0.13
C3 NAG D . -32.68 -4.67 0.86
C4 NAG D . -32.94 -6.05 0.26
C5 NAG D . -32.28 -6.17 -1.12
C6 NAG D . -32.59 -7.46 -1.83
C7 NAG D . -33.58 -1.53 1.14
C8 NAG D . -33.06 -0.20 1.60
N2 NAG D . -32.73 -2.27 0.41
O3 NAG D . -33.43 -4.53 2.06
O4 NAG D . -32.44 -7.06 1.13
O5 NAG D . -32.74 -5.10 -1.96
O6 NAG D . -31.87 -7.57 -3.06
O7 NAG D . -34.71 -1.92 1.42
C1 NAG D . -33.53 -7.92 1.53
C2 NAG D . -32.95 -9.14 2.26
C3 NAG D . -34.06 -10.08 2.72
C4 NAG D . -35.10 -9.32 3.53
C5 NAG D . -35.60 -8.10 2.74
C6 NAG D . -36.57 -7.24 3.52
C7 NAG D . -32.27 -10.42 0.24
C8 NAG D . -31.12 -11.08 -0.46
N2 NAG D . -31.98 -9.85 1.42
O3 NAG D . -33.51 -11.13 3.50
O4 NAG D . -36.21 -10.16 3.80
O5 NAG D . -34.48 -7.26 2.39
O6 NAG D . -35.96 -6.63 4.65
O7 NAG D . -33.40 -10.39 -0.24
C1 GOL E . 9.42 23.57 4.20
O1 GOL E . 9.86 23.17 2.96
C2 GOL E . 10.63 24.24 4.92
O2 GOL E . 11.53 24.80 4.03
C3 GOL E . 11.27 23.14 5.77
O3 GOL E . 12.01 23.81 6.74
C1 NAG F . -5.68 -14.77 27.55
C2 NAG F . -4.15 -14.81 27.61
C3 NAG F . -3.66 -16.23 27.92
C4 NAG F . -4.37 -16.79 29.15
C5 NAG F . -5.88 -16.66 28.99
C6 NAG F . -6.65 -17.11 30.22
C7 NAG F . -2.94 -13.18 26.23
C8 NAG F . -2.43 -12.85 24.87
N2 NAG F . -3.59 -14.34 26.37
O3 NAG F . -2.26 -16.20 28.14
O4 NAG F . -4.03 -18.16 29.32
O5 NAG F . -6.22 -15.29 28.76
O6 NAG F . -7.72 -16.23 30.51
O7 NAG F . -2.77 -12.42 27.18
C1 GOL G . 17.53 21.38 -12.20
O1 GOL G . 17.84 22.50 -12.98
C2 GOL G . 16.11 20.93 -12.63
O2 GOL G . 15.16 21.92 -12.42
C3 GOL G . 15.83 19.64 -11.82
O3 GOL G . 17.06 19.00 -11.62
C1 GOL H . 24.50 5.09 14.03
O1 GOL H . 23.65 5.51 15.04
C2 GOL H . 25.96 5.37 14.49
O2 GOL H . 26.23 6.73 14.59
C3 GOL H . 26.85 4.70 13.43
O3 GOL H . 26.74 3.33 13.63
CL CL I . 13.20 10.45 -8.43
ZN ZN J . -1.52 -7.22 3.25
#